data_1JXN
#
_entry.id   1JXN
#
_cell.length_a   71.810
_cell.length_b   69.000
_cell.length_c   119.020
_cell.angle_alpha   90.00
_cell.angle_beta   106.76
_cell.angle_gamma   90.00
#
_symmetry.space_group_name_H-M   'P 1 21 1'
#
loop_
_entity.id
_entity.type
_entity.pdbx_description
1 polymer 'anti-H(O) lectin I'
2 non-polymer 'methyl alpha-L-fucopyranoside'
3 non-polymer 'MANGANESE (II) ION'
4 non-polymer 'CALCIUM ION'
5 non-polymer (4R)-2-METHYLPENTANE-2,4-DIOL
6 water water
#
_entity_poly.entity_id   1
_entity_poly.type   'polypeptide(L)'
_entity_poly.pdbx_seq_one_letter_code
;SDDLSFKFKNFSQNGKDLSFQGNASVIETGVLQLNKVGNNLPDETGGIARYIAPIHIWNCNTGELASFITSFSFFMETSA
NPKAATDGLTFFLAPPDSPLRRAGGYFGLFNDTKCDSSYQTVAVEFDTIGSPVNFWDPGFPHIGIDVNCVKSINAERWNK
RYGLNNVANVEIIYEASSKTLTASLTYPSDQTSISVTSIVDLKEILPEWVSVGFSGSTYIGRQATHEVLNWYFTSTFINT
NS
;
_entity_poly.pdbx_strand_id   A,B,C,D
#
loop_
_chem_comp.id
_chem_comp.type
_chem_comp.name
_chem_comp.formula
CA non-polymer 'CALCIUM ION' 'Ca 2'
MFU L-saccharide 'methyl alpha-L-fucopyranoside' 'C7 H14 O5'
MN non-polymer 'MANGANESE (II) ION' 'Mn 2'
MRD non-polymer (4R)-2-METHYLPENTANE-2,4-DIOL 'C6 H14 O2'
#
# COMPACT_ATOMS: atom_id res chain seq x y z
N SER A 1 -11.93 16.10 6.13
CA SER A 1 -12.96 17.16 6.35
C SER A 1 -12.47 18.41 5.64
N ASP A 2 -13.39 19.27 5.27
CA ASP A 2 -13.04 20.50 4.58
C ASP A 2 -13.11 21.65 5.57
N ASP A 3 -14.18 21.65 6.35
CA ASP A 3 -14.40 22.66 7.36
C ASP A 3 -14.44 21.93 8.68
N LEU A 4 -13.92 22.56 9.71
CA LEU A 4 -13.91 21.95 11.02
C LEU A 4 -13.94 23.08 12.04
N SER A 5 -14.60 22.81 13.15
CA SER A 5 -14.69 23.78 14.22
C SER A 5 -15.19 23.08 15.45
N PHE A 6 -14.59 23.42 16.57
CA PHE A 6 -14.98 22.83 17.83
C PHE A 6 -14.64 23.84 18.89
N LYS A 7 -15.50 23.94 19.89
CA LYS A 7 -15.27 24.88 20.94
C LYS A 7 -15.37 24.16 22.24
N PHE A 8 -14.39 24.40 23.11
CA PHE A 8 -14.37 23.82 24.44
C PHE A 8 -14.52 25.04 25.36
N LYS A 9 -15.62 25.10 26.09
CA LYS A 9 -15.85 26.20 27.03
C LYS A 9 -15.24 25.83 28.37
N ASN A 10 -15.14 24.53 28.57
CA ASN A 10 -14.67 23.90 29.79
C ASN A 10 -13.86 22.73 29.27
N PHE A 11 -13.48 21.83 30.17
CA PHE A 11 -12.75 20.63 29.83
C PHE A 11 -13.13 19.60 30.89
N SER A 12 -13.80 18.53 30.47
CA SER A 12 -14.20 17.47 31.41
C SER A 12 -13.09 16.42 31.58
N GLN A 13 -12.95 15.86 32.78
CA GLN A 13 -11.90 14.87 33.03
C GLN A 13 -12.15 13.51 32.44
N ASN A 14 -13.30 13.34 31.82
CA ASN A 14 -13.70 12.08 31.20
C ASN A 14 -13.79 12.32 29.70
N GLY A 15 -13.09 13.37 29.26
CA GLY A 15 -13.08 13.71 27.84
C GLY A 15 -12.64 12.54 26.99
N LYS A 16 -13.06 12.53 25.73
CA LYS A 16 -12.68 11.44 24.84
C LYS A 16 -12.18 11.93 23.50
N ASP A 17 -12.01 13.24 23.38
CA ASP A 17 -11.52 13.84 22.14
C ASP A 17 -10.17 14.59 22.26
N LEU A 18 -9.33 14.17 23.19
CA LEU A 18 -8.00 14.78 23.40
C LEU A 18 -6.96 13.74 23.75
N SER A 19 -5.84 13.74 23.04
CA SER A 19 -4.77 12.79 23.35
C SER A 19 -3.69 13.57 24.09
N PHE A 20 -3.21 13.02 25.19
CA PHE A 20 -2.21 13.66 26.01
C PHE A 20 -0.92 12.88 25.96
N GLN A 21 0.18 13.60 26.08
CA GLN A 21 1.54 13.03 26.09
C GLN A 21 2.29 13.73 27.22
N GLY A 22 3.33 13.08 27.72
CA GLY A 22 4.06 13.68 28.81
C GLY A 22 3.13 13.76 30.00
N ASN A 23 3.19 14.86 30.75
CA ASN A 23 2.34 15.00 31.92
C ASN A 23 1.34 16.15 31.82
N ALA A 24 0.50 16.09 30.78
CA ALA A 24 -0.56 17.07 30.52
C ALA A 24 -1.91 16.35 30.71
N SER A 25 -2.92 17.06 31.22
CA SER A 25 -4.23 16.47 31.47
C SER A 25 -5.25 17.49 31.96
N VAL A 26 -6.53 17.15 31.84
CA VAL A 26 -7.58 18.03 32.33
C VAL A 26 -7.66 17.80 33.83
N ILE A 27 -7.99 18.85 34.57
CA ILE A 27 -8.09 18.70 36.01
C ILE A 27 -9.51 18.93 36.49
N GLU A 28 -9.70 18.70 37.79
CA GLU A 28 -10.97 18.83 38.48
C GLU A 28 -11.63 20.20 38.35
N THR A 29 -10.80 21.24 38.27
CA THR A 29 -11.31 22.60 38.13
C THR A 29 -11.69 22.85 36.66
N GLY A 30 -11.74 21.77 35.88
CA GLY A 30 -12.10 21.86 34.47
C GLY A 30 -11.07 22.55 33.61
N VAL A 31 -9.86 22.68 34.13
CA VAL A 31 -8.77 23.34 33.41
C VAL A 31 -7.84 22.35 32.66
N LEU A 32 -7.45 22.71 31.43
CA LEU A 32 -6.54 21.87 30.66
C LEU A 32 -5.11 22.21 31.09
N GLN A 33 -4.51 21.38 31.93
CA GLN A 33 -3.15 21.62 32.40
C GLN A 33 -2.14 20.93 31.49
N LEU A 34 -1.21 21.72 30.95
CA LEU A 34 -0.20 21.23 30.01
C LEU A 34 1.07 20.62 30.57
N ASN A 35 1.42 20.98 31.81
CA ASN A 35 2.60 20.43 32.45
C ASN A 35 2.44 20.43 33.98
N LYS A 36 2.96 19.39 34.63
CA LYS A 36 2.84 19.30 36.08
C LYS A 36 4.11 19.81 36.75
N VAL A 37 3.95 20.42 37.93
CA VAL A 37 5.07 20.93 38.71
C VAL A 37 5.18 20.21 40.04
N GLY A 38 6.29 20.44 40.75
CA GLY A 38 6.50 19.81 42.04
C GLY A 38 7.55 18.71 41.94
N ASN A 39 7.49 17.78 42.89
CA ASN A 39 8.44 16.67 42.94
C ASN A 39 8.16 15.53 41.93
N ASN A 40 9.13 14.63 41.78
CA ASN A 40 9.02 13.49 40.88
C ASN A 40 8.68 13.76 39.43
N LEU A 41 9.48 14.64 38.85
CA LEU A 41 9.37 15.04 37.45
C LEU A 41 10.81 15.14 36.97
N PRO A 42 11.06 14.87 35.68
CA PRO A 42 12.44 14.98 35.21
C PRO A 42 12.83 16.49 35.20
N ASP A 43 14.13 16.78 35.20
CA ASP A 43 14.59 18.18 35.21
C ASP A 43 13.86 19.04 34.16
N GLU A 44 13.63 18.45 32.99
CA GLU A 44 12.89 19.08 31.88
C GLU A 44 11.57 18.31 31.71
N THR A 45 10.47 18.85 32.23
CA THR A 45 9.16 18.20 32.15
C THR A 45 8.15 19.00 31.35
N GLY A 46 7.12 18.32 30.84
CA GLY A 46 6.10 19.02 30.08
C GLY A 46 5.06 18.10 29.49
N GLY A 47 4.05 18.67 28.82
CA GLY A 47 3.02 17.85 28.23
C GLY A 47 2.38 18.42 26.99
N ILE A 48 1.85 17.52 26.17
CA ILE A 48 1.19 17.89 24.93
C ILE A 48 -0.25 17.43 25.03
N ALA A 49 -1.16 18.20 24.46
CA ALA A 49 -2.58 17.84 24.45
C ALA A 49 -3.11 18.30 23.10
N ARG A 50 -3.48 17.37 22.23
CA ARG A 50 -3.99 17.74 20.91
C ARG A 50 -5.37 17.20 20.59
N TYR A 51 -6.08 17.85 19.68
CA TYR A 51 -7.40 17.37 19.29
C TYR A 51 -7.20 15.99 18.68
N ILE A 52 -8.04 15.06 19.13
CA ILE A 52 -7.99 13.66 18.73
C ILE A 52 -8.05 13.39 17.22
N ALA A 53 -8.76 14.23 16.49
CA ALA A 53 -8.86 14.05 15.05
C ALA A 53 -7.91 14.96 14.30
N PRO A 54 -7.17 14.39 13.33
CA PRO A 54 -6.22 15.12 12.49
C PRO A 54 -6.97 16.04 11.54
N ILE A 55 -6.45 17.27 11.39
CA ILE A 55 -7.01 18.32 10.52
C ILE A 55 -6.49 18.19 9.09
N HIS A 56 -7.36 18.44 8.12
CA HIS A 56 -6.99 18.40 6.70
C HIS A 56 -6.40 19.79 6.44
N ILE A 57 -5.09 19.90 6.51
CA ILE A 57 -4.42 21.19 6.34
C ILE A 57 -4.29 21.65 4.88
N TRP A 58 -3.92 20.75 3.98
CA TRP A 58 -3.81 21.12 2.56
C TRP A 58 -4.16 19.97 1.62
N ASN A 59 -4.73 20.29 0.46
CA ASN A 59 -5.13 19.27 -0.50
C ASN A 59 -4.15 19.14 -1.65
N CYS A 60 -3.50 17.98 -1.74
CA CYS A 60 -2.51 17.75 -2.79
C CYS A 60 -3.03 17.53 -4.21
N ASN A 61 -4.34 17.45 -4.39
CA ASN A 61 -4.89 17.28 -5.73
C ASN A 61 -5.46 18.58 -6.25
N THR A 62 -6.16 19.31 -5.39
CA THR A 62 -6.73 20.59 -5.80
C THR A 62 -5.69 21.71 -5.63
N GLY A 63 -4.77 21.50 -4.69
CA GLY A 63 -3.74 22.50 -4.40
C GLY A 63 -4.24 23.51 -3.38
N GLU A 64 -5.52 23.41 -3.05
CA GLU A 64 -6.19 24.28 -2.08
C GLU A 64 -5.53 24.18 -0.70
N LEU A 65 -5.52 25.31 -0.01
CA LEU A 65 -4.92 25.45 1.32
C LEU A 65 -6.05 25.92 2.24
N ALA A 66 -6.04 25.47 3.49
CA ALA A 66 -7.07 25.84 4.44
C ALA A 66 -6.68 26.96 5.39
N SER A 67 -7.54 27.96 5.49
CA SER A 67 -7.32 29.06 6.41
C SER A 67 -7.89 28.65 7.75
N PHE A 68 -7.34 29.19 8.83
CA PHE A 68 -7.86 28.81 10.14
C PHE A 68 -7.71 29.88 11.21
N ILE A 69 -8.50 29.73 12.25
CA ILE A 69 -8.45 30.64 13.36
C ILE A 69 -8.71 29.83 14.61
N THR A 70 -8.00 30.18 15.66
CA THR A 70 -8.15 29.50 16.92
C THR A 70 -7.93 30.50 18.02
N SER A 71 -8.70 30.36 19.09
CA SER A 71 -8.58 31.25 20.21
C SER A 71 -8.67 30.46 21.50
N PHE A 72 -7.93 30.94 22.50
CA PHE A 72 -7.92 30.29 23.79
C PHE A 72 -7.38 31.24 24.84
N SER A 73 -7.82 31.04 26.08
CA SER A 73 -7.34 31.87 27.17
C SER A 73 -6.54 30.95 28.06
N PHE A 74 -5.38 31.38 28.54
CA PHE A 74 -4.58 30.54 29.42
C PHE A 74 -4.04 31.42 30.53
N PHE A 75 -3.55 30.80 31.59
CA PHE A 75 -2.95 31.56 32.69
C PHE A 75 -1.80 30.68 33.18
N MET A 76 -0.89 31.27 33.96
CA MET A 76 0.25 30.51 34.45
C MET A 76 0.35 30.73 35.94
N GLU A 77 0.93 29.79 36.64
CA GLU A 77 1.06 29.90 38.08
C GLU A 77 2.44 29.42 38.49
N THR A 78 3.08 30.21 39.35
CA THR A 78 4.40 29.85 39.86
C THR A 78 4.45 30.23 41.34
N SER A 79 5.23 29.50 42.11
CA SER A 79 5.36 29.76 43.54
C SER A 79 6.49 30.73 43.85
N ALA A 80 7.61 30.51 43.19
CA ALA A 80 8.79 31.35 43.39
C ALA A 80 8.97 32.33 42.24
N ASN A 81 10.17 32.90 42.16
CA ASN A 81 10.64 33.87 41.17
C ASN A 81 10.00 33.79 39.76
N PRO A 82 8.97 34.62 39.51
CA PRO A 82 8.19 34.73 38.27
C PRO A 82 9.02 35.15 37.06
N LYS A 83 9.79 36.23 37.23
CA LYS A 83 10.63 36.76 36.18
C LYS A 83 11.66 35.74 35.73
N ALA A 84 11.92 34.77 36.61
CA ALA A 84 12.89 33.71 36.32
C ALA A 84 12.23 32.37 36.01
N ALA A 85 10.90 32.33 35.93
CA ALA A 85 10.17 31.09 35.65
C ALA A 85 10.25 30.65 34.17
N THR A 86 10.37 29.33 33.97
CA THR A 86 10.46 28.72 32.65
C THR A 86 9.21 27.83 32.40
N ASP A 87 8.88 27.49 31.15
CA ASP A 87 9.57 27.85 29.90
C ASP A 87 8.49 28.38 28.99
N GLY A 88 7.24 27.99 29.26
CA GLY A 88 6.11 28.46 28.48
C GLY A 88 5.21 27.42 27.87
N LEU A 89 4.37 27.86 26.93
CA LEU A 89 3.43 26.97 26.25
C LEU A 89 3.51 27.21 24.74
N THR A 90 2.70 26.46 24.01
CA THR A 90 2.70 26.53 22.57
C THR A 90 1.39 26.03 21.96
N PHE A 91 1.08 26.53 20.77
CA PHE A 91 -0.05 26.04 20.01
C PHE A 91 0.66 25.51 18.75
N PHE A 92 0.41 24.26 18.37
CA PHE A 92 1.14 23.73 17.24
C PHE A 92 0.42 22.81 16.27
N LEU A 93 0.96 22.76 15.05
CA LEU A 93 0.48 21.91 13.97
C LEU A 93 1.68 21.01 13.69
N ALA A 94 1.43 19.71 13.55
CA ALA A 94 2.51 18.75 13.30
C ALA A 94 1.90 17.42 12.91
N PRO A 95 2.72 16.44 12.46
CA PRO A 95 2.10 15.15 12.12
C PRO A 95 1.38 14.68 13.38
N PRO A 96 0.06 14.41 13.27
CA PRO A 96 -0.78 13.95 14.38
C PRO A 96 -0.20 12.82 15.24
N ASP A 97 0.74 12.08 14.68
CA ASP A 97 1.34 10.98 15.40
C ASP A 97 2.77 11.27 15.86
N SER A 98 3.12 12.55 15.97
CA SER A 98 4.47 12.91 16.40
C SER A 98 4.61 12.66 17.89
N PRO A 99 5.75 12.10 18.27
CA PRO A 99 6.06 11.79 19.68
C PRO A 99 6.31 13.02 20.54
N LEU A 100 6.37 12.80 21.83
CA LEU A 100 6.64 13.86 22.77
C LEU A 100 8.16 13.82 22.77
N ARG A 101 8.81 14.97 22.64
CA ARG A 101 10.27 15.00 22.63
C ARG A 101 10.86 15.66 23.88
N ARG A 102 11.80 16.59 23.68
CA ARG A 102 12.45 17.25 24.80
C ARG A 102 11.63 18.41 25.32
N ALA A 103 11.50 18.46 26.64
CA ALA A 103 10.73 19.50 27.30
C ALA A 103 11.62 20.64 27.73
N GLY A 104 11.15 21.47 28.65
CA GLY A 104 11.95 22.60 29.07
C GLY A 104 11.87 23.67 28.01
N GLY A 105 13.02 24.15 27.55
CA GLY A 105 13.04 25.19 26.54
C GLY A 105 12.62 24.73 25.17
N TYR A 106 12.55 23.42 24.98
CA TYR A 106 12.18 22.86 23.69
C TYR A 106 10.70 22.60 23.56
N PHE A 107 9.95 22.85 24.64
CA PHE A 107 8.49 22.71 24.68
C PHE A 107 7.84 21.34 24.41
N GLY A 108 8.65 20.32 24.16
CA GLY A 108 8.14 18.99 23.88
C GLY A 108 8.09 18.72 22.37
N LEU A 109 8.21 19.77 21.57
CA LEU A 109 8.15 19.66 20.11
C LEU A 109 9.45 19.26 19.43
N PHE A 110 10.57 19.74 19.97
CA PHE A 110 11.90 19.50 19.40
C PHE A 110 12.83 18.79 20.36
N ASN A 111 13.73 17.96 19.83
CA ASN A 111 14.68 17.23 20.68
C ASN A 111 16.05 17.92 20.88
N ASP A 112 16.22 19.07 20.23
CA ASP A 112 17.44 19.92 20.31
C ASP A 112 17.32 21.19 19.44
N THR A 113 18.36 22.03 19.38
CA THR A 113 18.31 23.28 18.60
C THR A 113 18.47 23.15 17.08
N LYS A 114 18.92 22.00 16.60
CA LYS A 114 19.06 21.81 15.16
C LYS A 114 17.71 21.90 14.46
N CYS A 115 17.66 22.67 13.39
CA CYS A 115 16.41 22.83 12.64
C CYS A 115 16.37 21.73 11.61
N ASP A 116 15.20 21.11 11.51
CA ASP A 116 15.01 20.02 10.59
C ASP A 116 13.65 20.13 9.95
N SER A 117 13.64 20.08 8.62
CA SER A 117 12.41 20.15 7.85
C SER A 117 11.46 18.97 8.12
N SER A 118 12.01 17.89 8.65
CA SER A 118 11.22 16.70 8.94
C SER A 118 10.22 16.85 10.12
N TYR A 119 10.43 17.87 10.95
CA TYR A 119 9.54 18.14 12.09
C TYR A 119 8.14 18.49 11.58
N GLN A 120 8.08 19.18 10.45
CA GLN A 120 6.82 19.60 9.82
C GLN A 120 5.94 20.18 10.88
N THR A 121 6.54 21.08 11.67
CA THR A 121 5.90 21.74 12.79
C THR A 121 5.83 23.25 12.63
N VAL A 122 4.73 23.82 13.05
CA VAL A 122 4.53 25.25 13.00
C VAL A 122 3.82 25.55 14.30
N ALA A 123 4.54 26.19 15.20
CA ALA A 123 4.02 26.51 16.50
C ALA A 123 4.13 27.98 16.80
N VAL A 124 3.16 28.48 17.54
CA VAL A 124 3.14 29.87 17.98
C VAL A 124 3.51 29.76 19.46
N GLU A 125 4.77 30.02 19.80
CA GLU A 125 5.22 29.94 21.17
C GLU A 125 5.03 31.19 22.00
N PHE A 126 4.93 30.97 23.30
CA PHE A 126 4.78 32.00 24.32
C PHE A 126 5.89 31.58 25.27
N ASP A 127 7.10 32.01 24.93
CA ASP A 127 8.33 31.69 25.65
C ASP A 127 8.56 32.59 26.86
N THR A 128 8.62 32.01 28.05
CA THR A 128 8.82 32.79 29.26
C THR A 128 10.28 33.00 29.72
N ILE A 129 11.22 32.24 29.14
CA ILE A 129 12.63 32.40 29.52
C ILE A 129 13.59 32.32 28.31
N GLY A 130 14.23 33.44 28.01
CA GLY A 130 15.15 33.50 26.88
C GLY A 130 16.60 33.55 27.28
N SER A 131 17.45 34.09 26.39
CA SER A 131 18.89 34.23 26.62
C SER A 131 19.16 35.12 27.85
N PRO A 132 20.28 34.87 28.57
CA PRO A 132 21.31 33.86 28.36
C PRO A 132 21.01 32.44 28.85
N VAL A 133 19.89 32.26 29.55
CA VAL A 133 19.49 30.93 30.07
C VAL A 133 19.19 29.99 28.89
N ASN A 134 18.41 30.48 27.93
CA ASN A 134 18.04 29.77 26.71
C ASN A 134 18.79 30.50 25.60
N PHE A 135 20.03 30.07 25.39
CA PHE A 135 20.92 30.66 24.41
C PHE A 135 20.27 31.12 23.08
N TRP A 136 19.61 30.20 22.37
CA TRP A 136 18.95 30.42 21.07
C TRP A 136 17.83 31.45 21.00
N ASP A 137 17.46 32.01 22.15
CA ASP A 137 16.38 33.00 22.25
C ASP A 137 16.84 34.42 22.51
N PRO A 138 15.97 35.40 22.24
CA PRO A 138 16.30 36.79 22.49
C PRO A 138 16.46 36.95 24.01
N GLY A 139 16.99 38.11 24.42
CA GLY A 139 17.22 38.37 25.83
C GLY A 139 16.04 38.87 26.63
N PHE A 140 14.96 38.10 26.66
CA PHE A 140 13.74 38.43 27.40
C PHE A 140 12.56 37.49 27.05
N PRO A 141 11.55 37.43 27.93
CA PRO A 141 10.39 36.57 27.66
C PRO A 141 9.72 37.11 26.38
N HIS A 142 9.19 36.23 25.55
CA HIS A 142 8.59 36.67 24.30
C HIS A 142 7.62 35.66 23.68
N ILE A 143 7.10 36.05 22.52
CA ILE A 143 6.18 35.26 21.72
C ILE A 143 6.84 35.07 20.35
N GLY A 144 6.76 33.87 19.79
CA GLY A 144 7.37 33.65 18.50
C GLY A 144 6.73 32.58 17.65
N ILE A 145 7.06 32.58 16.37
CA ILE A 145 6.54 31.60 15.43
C ILE A 145 7.70 30.65 15.12
N ASP A 146 7.54 29.38 15.48
CA ASP A 146 8.57 28.36 15.28
C ASP A 146 8.29 27.51 14.06
N VAL A 147 9.22 27.51 13.11
CA VAL A 147 9.02 26.70 11.91
C VAL A 147 10.14 25.67 11.83
N ASN A 148 9.82 24.42 12.13
CA ASN A 148 10.79 23.32 12.10
C ASN A 148 12.00 23.58 12.96
N CYS A 149 11.85 24.41 13.98
CA CYS A 149 12.96 24.74 14.85
C CYS A 149 12.56 25.46 16.12
N VAL A 150 13.31 25.23 17.19
CA VAL A 150 13.05 25.87 18.49
C VAL A 150 13.39 27.36 18.48
N LYS A 151 14.13 27.75 17.44
CA LYS A 151 14.55 29.15 17.22
C LYS A 151 13.50 29.76 16.29
N SER A 152 12.83 30.83 16.73
CA SER A 152 11.80 31.49 15.92
C SER A 152 12.25 32.16 14.61
N ILE A 153 11.29 32.36 13.70
CA ILE A 153 11.55 33.01 12.42
C ILE A 153 11.49 34.51 12.72
N ASN A 154 10.49 34.87 13.53
CA ASN A 154 10.24 36.23 13.99
C ASN A 154 9.67 36.10 15.41
N ALA A 155 9.95 37.08 16.27
CA ALA A 155 9.47 37.08 17.65
C ALA A 155 9.14 38.48 18.18
N GLU A 156 8.49 38.54 19.33
CA GLU A 156 8.12 39.80 19.95
C GLU A 156 8.22 39.76 21.46
N ARG A 157 8.91 40.76 22.02
CA ARG A 157 9.10 40.88 23.48
C ARG A 157 7.78 40.87 24.25
N TRP A 158 7.67 39.91 25.14
CA TRP A 158 6.48 39.73 25.96
C TRP A 158 6.81 39.91 27.44
N ASN A 159 6.13 40.86 28.08
CA ASN A 159 6.30 41.08 29.52
C ASN A 159 5.25 40.18 30.17
N LYS A 160 5.68 38.95 30.46
CA LYS A 160 4.87 37.90 31.05
C LYS A 160 4.29 38.18 32.43
N ARG A 161 3.06 37.72 32.66
CA ARG A 161 2.39 37.90 33.96
C ARG A 161 1.91 36.54 34.45
N TYR A 162 1.95 36.33 35.77
CA TYR A 162 1.51 35.06 36.34
C TYR A 162 0.31 35.24 37.26
N GLY A 163 -0.28 34.11 37.65
CA GLY A 163 -1.45 34.10 38.52
C GLY A 163 -2.76 34.04 37.77
N LEU A 164 -3.78 33.49 38.41
CA LEU A 164 -5.09 33.40 37.78
C LEU A 164 -5.58 34.82 37.51
N ASN A 165 -5.05 35.74 38.32
CA ASN A 165 -5.37 37.16 38.24
C ASN A 165 -5.00 37.78 36.88
N ASN A 166 -4.13 37.12 36.12
CA ASN A 166 -3.74 37.64 34.82
C ASN A 166 -3.93 36.71 33.65
N VAL A 167 -5.20 36.42 33.36
CA VAL A 167 -5.55 35.55 32.24
C VAL A 167 -5.21 36.26 30.91
N ALA A 168 -4.70 35.48 29.97
CA ALA A 168 -4.34 36.02 28.66
C ALA A 168 -5.17 35.36 27.56
N ASN A 169 -5.68 36.17 26.64
CA ASN A 169 -6.46 35.69 25.51
C ASN A 169 -5.59 35.69 24.27
N VAL A 170 -5.51 34.54 23.63
CA VAL A 170 -4.72 34.41 22.43
C VAL A 170 -5.61 34.14 21.24
N GLU A 171 -5.24 34.68 20.09
CA GLU A 171 -5.99 34.44 18.87
C GLU A 171 -4.99 34.36 17.73
N ILE A 172 -5.06 33.27 16.99
CA ILE A 172 -4.16 33.02 15.89
C ILE A 172 -5.01 32.90 14.65
N ILE A 173 -4.56 33.54 13.57
CA ILE A 173 -5.30 33.42 12.33
C ILE A 173 -4.28 33.19 11.24
N TYR A 174 -4.52 32.16 10.44
CA TYR A 174 -3.65 31.84 9.33
C TYR A 174 -4.45 32.07 8.06
N GLU A 175 -4.05 33.07 7.29
CA GLU A 175 -4.71 33.43 6.05
C GLU A 175 -4.01 32.65 4.95
N ALA A 176 -4.71 31.64 4.42
CA ALA A 176 -4.15 30.78 3.39
C ALA A 176 -3.65 31.42 2.09
N SER A 177 -4.41 32.36 1.55
CA SER A 177 -4.04 33.01 0.28
C SER A 177 -2.74 33.80 0.35
N SER A 178 -2.59 34.59 1.41
CA SER A 178 -1.38 35.39 1.61
C SER A 178 -0.38 34.67 2.49
N LYS A 179 -0.73 33.45 2.93
CA LYS A 179 0.11 32.63 3.80
C LYS A 179 0.55 33.34 5.09
N THR A 180 -0.23 34.31 5.52
CA THR A 180 0.06 35.09 6.72
C THR A 180 -0.45 34.49 8.03
N LEU A 181 0.49 34.20 8.91
CA LEU A 181 0.18 33.65 10.23
C LEU A 181 0.36 34.79 11.25
N THR A 182 -0.73 35.18 11.90
CA THR A 182 -0.66 36.24 12.87
C THR A 182 -1.27 35.80 14.20
N ALA A 183 -0.49 35.93 15.26
CA ALA A 183 -0.94 35.54 16.60
C ALA A 183 -0.83 36.73 17.53
N SER A 184 -1.84 36.94 18.37
CA SER A 184 -1.79 38.05 19.30
C SER A 184 -2.14 37.64 20.71
N LEU A 185 -1.41 38.18 21.69
CA LEU A 185 -1.70 37.92 23.09
C LEU A 185 -2.24 39.21 23.64
N THR A 186 -3.34 39.13 24.39
CA THR A 186 -3.95 40.31 24.97
C THR A 186 -4.35 40.08 26.40
N TYR A 187 -3.81 40.86 27.32
CA TYR A 187 -4.20 40.75 28.74
C TYR A 187 -5.45 41.61 28.82
N PRO A 188 -6.63 40.97 29.02
CA PRO A 188 -7.91 41.69 29.12
C PRO A 188 -8.04 42.70 30.26
N SER A 189 -7.30 42.48 31.35
CA SER A 189 -7.38 43.38 32.50
C SER A 189 -7.06 44.81 32.12
N ASP A 190 -6.25 44.98 31.07
CA ASP A 190 -5.83 46.30 30.62
C ASP A 190 -5.56 46.42 29.13
N GLN A 191 -5.97 45.43 28.35
CA GLN A 191 -5.76 45.44 26.90
C GLN A 191 -4.31 45.49 26.47
N THR A 192 -3.40 45.08 27.35
CA THR A 192 -1.97 45.07 26.99
C THR A 192 -1.84 43.97 25.93
N SER A 193 -1.84 44.40 24.67
CA SER A 193 -1.74 43.48 23.54
C SER A 193 -0.32 43.40 23.02
N ILE A 194 -0.09 42.40 22.18
CA ILE A 194 1.18 42.14 21.55
C ILE A 194 0.86 41.15 20.43
N SER A 195 1.60 41.20 19.33
CA SER A 195 1.34 40.26 18.26
C SER A 195 2.57 40.05 17.41
N VAL A 196 2.69 38.86 16.87
CA VAL A 196 3.80 38.48 16.00
C VAL A 196 3.16 37.93 14.72
N THR A 197 3.56 38.48 13.59
CA THR A 197 3.07 38.07 12.28
C THR A 197 4.17 37.34 11.53
N SER A 198 3.83 36.66 10.45
CA SER A 198 4.84 35.97 9.66
C SER A 198 4.23 35.33 8.44
N ILE A 199 5.01 35.16 7.39
CA ILE A 199 4.49 34.53 6.18
C ILE A 199 5.20 33.20 5.99
N VAL A 200 4.45 32.12 6.21
CA VAL A 200 4.95 30.75 6.10
C VAL A 200 4.00 29.94 5.21
N ASP A 201 4.57 29.21 4.25
CA ASP A 201 3.77 28.38 3.35
C ASP A 201 3.65 26.98 3.95
N LEU A 202 2.57 26.75 4.69
CA LEU A 202 2.32 25.46 5.36
C LEU A 202 2.29 24.27 4.41
N LYS A 203 2.04 24.55 3.14
CA LYS A 203 2.01 23.49 2.13
C LYS A 203 3.39 22.84 1.95
N GLU A 204 4.44 23.64 2.11
CA GLU A 204 5.84 23.20 1.99
C GLU A 204 6.31 22.61 3.31
N ILE A 205 5.81 23.20 4.40
CA ILE A 205 6.21 22.79 5.74
C ILE A 205 5.49 21.55 6.31
N LEU A 206 4.16 21.61 6.36
CA LEU A 206 3.35 20.55 6.96
C LEU A 206 2.86 19.47 6.04
N PRO A 207 2.49 18.30 6.62
CA PRO A 207 1.98 17.17 5.85
C PRO A 207 0.50 17.45 5.54
N GLU A 208 -0.09 16.62 4.69
CA GLU A 208 -1.51 16.77 4.30
C GLU A 208 -2.48 16.88 5.47
N TRP A 209 -2.23 16.10 6.50
CA TRP A 209 -3.07 16.09 7.69
C TRP A 209 -2.18 16.35 8.89
N VAL A 210 -2.64 17.21 9.80
CA VAL A 210 -1.86 17.53 10.98
C VAL A 210 -2.74 17.57 12.21
N SER A 211 -2.09 17.63 13.37
CA SER A 211 -2.81 17.75 14.61
C SER A 211 -2.69 19.20 15.03
N VAL A 212 -3.66 19.67 15.79
CA VAL A 212 -3.62 21.02 16.30
C VAL A 212 -3.80 20.83 17.79
N GLY A 213 -2.99 21.51 18.59
CA GLY A 213 -3.09 21.35 20.01
C GLY A 213 -2.20 22.28 20.78
N PHE A 214 -1.81 21.86 21.97
CA PHE A 214 -0.97 22.67 22.85
C PHE A 214 0.16 21.87 23.47
N SER A 215 1.15 22.58 24.02
CA SER A 215 2.28 21.95 24.69
C SER A 215 2.75 22.92 25.77
N GLY A 216 3.24 22.41 26.89
CA GLY A 216 3.68 23.29 27.97
C GLY A 216 4.81 22.67 28.78
N SER A 217 5.87 23.44 29.05
CA SER A 217 7.03 22.95 29.79
C SER A 217 7.66 23.96 30.76
N THR A 218 8.40 23.44 31.72
CA THR A 218 9.06 24.25 32.75
C THR A 218 10.40 23.58 33.09
N TYR A 219 11.04 23.99 34.17
CA TYR A 219 12.33 23.39 34.50
C TYR A 219 12.58 23.34 36.01
N ILE A 220 13.31 22.32 36.45
CA ILE A 220 13.62 22.15 37.87
C ILE A 220 14.18 23.45 38.40
N GLY A 221 13.66 23.90 39.54
CA GLY A 221 14.11 25.13 40.14
C GLY A 221 13.31 26.33 39.69
N ARG A 222 13.03 26.41 38.40
CA ARG A 222 12.24 27.51 37.84
C ARG A 222 10.85 26.98 37.40
N GLN A 223 10.26 26.12 38.22
CA GLN A 223 8.97 25.52 37.88
C GLN A 223 7.73 26.42 37.92
N ALA A 224 6.85 26.19 36.96
CA ALA A 224 5.58 26.92 36.83
C ALA A 224 4.69 26.07 35.94
N THR A 225 3.38 26.12 36.17
CA THR A 225 2.47 25.36 35.32
C THR A 225 1.75 26.29 34.34
N HIS A 226 1.47 25.76 33.15
CA HIS A 226 0.83 26.52 32.09
C HIS A 226 -0.48 25.80 31.75
N GLU A 227 -1.60 26.49 31.90
CA GLU A 227 -2.89 25.86 31.63
C GLU A 227 -3.92 26.63 30.81
N VAL A 228 -4.55 25.90 29.88
CA VAL A 228 -5.58 26.42 28.98
C VAL A 228 -6.97 26.47 29.65
N LEU A 229 -7.64 27.60 29.49
CA LEU A 229 -8.96 27.86 30.09
C LEU A 229 -10.14 27.52 29.17
N ASN A 230 -9.89 27.49 27.87
CA ASN A 230 -10.91 27.17 26.89
C ASN A 230 -10.20 27.10 25.54
N TRP A 231 -10.95 26.83 24.47
CA TRP A 231 -10.34 26.72 23.14
C TRP A 231 -11.38 26.76 22.04
N TYR A 232 -11.00 27.38 20.94
CA TYR A 232 -11.85 27.51 19.77
C TYR A 232 -10.98 27.28 18.58
N PHE A 233 -11.57 26.76 17.51
CA PHE A 233 -10.83 26.46 16.30
C PHE A 233 -11.80 26.28 15.16
N THR A 234 -11.37 26.69 13.97
CA THR A 234 -12.20 26.59 12.77
C THR A 234 -11.29 26.58 11.53
N SER A 235 -11.30 25.45 10.83
CA SER A 235 -10.51 25.27 9.61
C SER A 235 -11.46 25.38 8.46
N THR A 236 -10.94 25.60 7.27
CA THR A 236 -11.78 25.71 6.10
C THR A 236 -10.99 25.90 4.82
N PHE A 237 -11.15 24.94 3.91
CA PHE A 237 -10.48 24.99 2.63
C PHE A 237 -11.24 25.90 1.71
N ILE A 238 -12.50 26.14 2.03
CA ILE A 238 -13.29 26.97 1.14
C ILE A 238 -13.45 28.46 1.41
N ASN A 239 -12.28 29.10 1.45
CA ASN A 239 -12.16 30.53 1.58
C ASN A 239 -12.97 31.12 2.72
N THR A 240 -13.72 32.18 2.40
CA THR A 240 -14.63 32.90 3.29
C THR A 240 -15.67 33.55 2.35
N SER B 1 -15.86 18.09 23.11
CA SER B 1 -16.00 19.57 22.90
C SER B 1 -17.42 19.99 23.25
N ASP B 2 -17.66 21.29 23.31
CA ASP B 2 -18.99 21.79 23.61
C ASP B 2 -19.77 21.87 22.32
N ASP B 3 -19.18 22.53 21.34
CA ASP B 3 -19.77 22.71 20.01
C ASP B 3 -18.84 22.03 19.04
N LEU B 4 -19.40 21.45 17.98
CA LEU B 4 -18.59 20.80 16.97
C LEU B 4 -19.32 20.72 15.66
N SER B 5 -18.57 20.86 14.58
CA SER B 5 -19.13 20.77 13.24
C SER B 5 -18.01 20.53 12.24
N PHE B 6 -18.33 19.77 11.21
CA PHE B 6 -17.39 19.47 10.16
C PHE B 6 -18.16 19.34 8.88
N LYS B 7 -17.46 19.21 7.78
CA LYS B 7 -18.12 19.12 6.51
C LYS B 7 -17.22 18.47 5.51
N PHE B 8 -17.68 17.36 4.95
CA PHE B 8 -16.93 16.63 3.95
C PHE B 8 -17.67 16.93 2.66
N LYS B 9 -16.97 17.54 1.68
CA LYS B 9 -17.59 17.83 0.39
C LYS B 9 -17.44 16.64 -0.57
N ASN B 10 -16.54 15.74 -0.21
CA ASN B 10 -16.21 14.51 -0.94
C ASN B 10 -15.17 13.84 -0.04
N PHE B 11 -14.62 12.69 -0.45
CA PHE B 11 -13.68 12.02 0.43
C PHE B 11 -12.27 11.73 -0.09
N SER B 12 -11.28 11.81 0.79
CA SER B 12 -9.88 11.60 0.45
C SER B 12 -9.47 10.16 0.38
N GLN B 13 -8.79 9.78 -0.70
CA GLN B 13 -8.34 8.41 -0.88
C GLN B 13 -7.51 7.94 0.31
N ASN B 14 -6.82 8.87 0.96
CA ASN B 14 -5.99 8.53 2.11
C ASN B 14 -6.28 9.40 3.34
N GLY B 15 -7.56 9.50 3.67
CA GLY B 15 -8.00 10.30 4.79
C GLY B 15 -7.39 9.89 6.10
N LYS B 16 -7.54 10.75 7.10
CA LYS B 16 -6.97 10.47 8.42
C LYS B 16 -7.94 10.70 9.57
N ASP B 17 -9.11 11.24 9.25
CA ASP B 17 -10.09 11.54 10.27
C ASP B 17 -11.33 10.65 10.32
N LEU B 18 -11.24 9.48 9.69
CA LEU B 18 -12.35 8.54 9.67
C LEU B 18 -11.90 7.19 10.18
N SER B 19 -12.84 6.46 10.79
CA SER B 19 -12.57 5.13 11.32
C SER B 19 -13.37 4.17 10.47
N PHE B 20 -12.72 3.14 9.96
CA PHE B 20 -13.38 2.18 9.11
C PHE B 20 -13.43 0.76 9.68
N GLN B 21 -14.63 0.20 9.66
CA GLN B 21 -14.85 -1.16 10.11
C GLN B 21 -15.52 -1.90 8.96
N GLY B 22 -15.45 -3.22 8.98
CA GLY B 22 -16.06 -4.02 7.94
C GLY B 22 -15.37 -3.82 6.61
N ASN B 23 -16.15 -3.55 5.57
CA ASN B 23 -15.58 -3.34 4.25
C ASN B 23 -15.89 -1.94 3.76
N ALA B 24 -15.85 -0.99 4.70
CA ALA B 24 -16.11 0.41 4.37
C ALA B 24 -14.78 1.07 4.02
N SER B 25 -14.82 2.01 3.07
CA SER B 25 -13.63 2.71 2.62
C SER B 25 -14.00 3.84 1.69
N VAL B 26 -13.00 4.67 1.36
CA VAL B 26 -13.19 5.77 0.42
C VAL B 26 -12.64 5.23 -0.89
N ILE B 27 -13.49 5.17 -1.90
CA ILE B 27 -13.06 4.67 -3.19
C ILE B 27 -12.35 5.78 -3.94
N GLU B 28 -11.46 5.36 -4.84
CA GLU B 28 -10.66 6.28 -5.64
C GLU B 28 -11.49 7.38 -6.31
N THR B 29 -12.80 7.17 -6.39
CA THR B 29 -13.69 8.16 -6.99
C THR B 29 -14.12 9.25 -5.99
N GLY B 30 -13.43 9.28 -4.84
CA GLY B 30 -13.68 10.26 -3.79
C GLY B 30 -15.05 10.18 -3.17
N VAL B 31 -15.56 8.96 -3.03
CA VAL B 31 -16.89 8.70 -2.49
C VAL B 31 -16.79 7.74 -1.32
N LEU B 32 -17.61 7.97 -0.30
CA LEU B 32 -17.58 7.09 0.86
C LEU B 32 -18.39 5.87 0.49
N GLN B 33 -17.72 4.73 0.47
CA GLN B 33 -18.36 3.47 0.15
C GLN B 33 -18.59 2.67 1.43
N LEU B 34 -19.82 2.72 1.93
CA LEU B 34 -20.16 2.01 3.16
C LEU B 34 -19.97 0.49 3.10
N ASN B 35 -20.28 -0.12 1.96
CA ASN B 35 -20.10 -1.57 1.81
C ASN B 35 -19.76 -1.93 0.37
N LYS B 36 -19.08 -3.05 0.19
CA LYS B 36 -18.73 -3.49 -1.15
C LYS B 36 -19.55 -4.74 -1.55
N VAL B 37 -19.63 -5.02 -2.85
CA VAL B 37 -20.40 -6.17 -3.36
C VAL B 37 -19.56 -7.09 -4.23
N GLY B 38 -19.64 -8.40 -3.97
CA GLY B 38 -18.86 -9.38 -4.74
C GLY B 38 -18.83 -10.80 -4.17
N ASN B 39 -18.43 -11.74 -5.03
CA ASN B 39 -18.37 -13.15 -4.66
C ASN B 39 -17.27 -13.47 -3.64
N ASN B 40 -16.49 -12.46 -3.24
CA ASN B 40 -15.43 -12.68 -2.28
C ASN B 40 -15.91 -12.41 -0.87
N LEU B 41 -17.19 -12.04 -0.74
CA LEU B 41 -17.79 -11.66 0.55
C LEU B 41 -18.80 -12.68 1.09
N PRO B 42 -18.96 -12.71 2.44
CA PRO B 42 -19.90 -13.60 3.15
C PRO B 42 -21.35 -13.24 2.81
N ASP B 43 -22.27 -14.12 3.20
CA ASP B 43 -23.68 -13.91 2.90
C ASP B 43 -24.14 -12.55 3.39
N GLU B 44 -23.99 -12.32 4.71
CA GLU B 44 -24.34 -11.03 5.34
C GLU B 44 -23.04 -10.22 5.42
N THR B 45 -23.01 -9.03 4.80
CA THR B 45 -21.80 -8.19 4.80
C THR B 45 -22.09 -6.69 4.72
N GLY B 46 -21.21 -5.91 5.34
CA GLY B 46 -21.36 -4.47 5.34
C GLY B 46 -20.14 -3.75 5.89
N GLY B 47 -20.29 -2.48 6.27
CA GLY B 47 -19.19 -1.72 6.81
C GLY B 47 -19.62 -0.55 7.66
N ILE B 48 -18.68 -0.04 8.44
CA ILE B 48 -18.93 1.11 9.33
C ILE B 48 -17.85 2.16 9.09
N ALA B 49 -18.27 3.42 9.07
CA ALA B 49 -17.37 4.54 8.87
C ALA B 49 -17.78 5.63 9.85
N ARG B 50 -16.87 6.05 10.73
CA ARG B 50 -17.17 7.08 11.73
C ARG B 50 -16.14 8.20 11.73
N TYR B 51 -16.56 9.39 12.16
CA TYR B 51 -15.64 10.52 12.28
C TYR B 51 -14.76 10.15 13.48
N ILE B 52 -13.47 10.00 13.24
CA ILE B 52 -12.54 9.55 14.26
C ILE B 52 -12.67 10.18 15.65
N ALA B 53 -13.29 11.34 15.73
CA ALA B 53 -13.43 12.00 17.02
C ALA B 53 -14.80 11.85 17.71
N PRO B 54 -14.80 11.33 18.95
CA PRO B 54 -16.01 11.13 19.74
C PRO B 54 -16.65 12.48 20.02
N ILE B 55 -17.96 12.54 19.89
CA ILE B 55 -18.73 13.74 20.12
C ILE B 55 -19.30 13.73 21.54
N HIS B 56 -19.33 14.89 22.17
CA HIS B 56 -19.89 15.01 23.50
C HIS B 56 -21.39 15.24 23.31
N ILE B 57 -22.17 14.17 23.45
CA ILE B 57 -23.61 14.24 23.23
C ILE B 57 -24.41 14.79 24.41
N TRP B 58 -23.93 14.50 25.63
CA TRP B 58 -24.56 15.00 26.83
C TRP B 58 -23.54 14.97 27.95
N ASN B 59 -23.72 15.87 28.92
CA ASN B 59 -22.79 15.98 30.05
C ASN B 59 -23.48 15.78 31.42
N CYS B 60 -23.23 14.61 32.03
CA CYS B 60 -23.77 14.18 33.34
C CYS B 60 -23.69 15.16 34.52
N ASN B 61 -22.87 16.21 34.40
CA ASN B 61 -22.71 17.18 35.48
C ASN B 61 -23.76 18.28 35.48
N THR B 62 -24.21 18.68 34.28
CA THR B 62 -25.24 19.71 34.14
C THR B 62 -26.55 19.12 33.65
N GLY B 63 -26.51 17.86 33.21
CA GLY B 63 -27.70 17.20 32.69
C GLY B 63 -28.05 17.84 31.37
N GLU B 64 -27.01 18.33 30.70
CA GLU B 64 -27.17 19.00 29.44
C GLU B 64 -27.15 18.02 28.28
N LEU B 65 -27.97 18.29 27.28
CA LEU B 65 -28.08 17.42 26.12
C LEU B 65 -27.87 18.26 24.88
N ALA B 66 -26.98 17.83 24.00
CA ALA B 66 -26.71 18.61 22.81
C ALA B 66 -27.74 18.44 21.69
N SER B 67 -27.86 19.46 20.85
CA SER B 67 -28.77 19.45 19.70
C SER B 67 -27.88 19.24 18.48
N PHE B 68 -28.39 18.61 17.42
CA PHE B 68 -27.56 18.40 16.24
C PHE B 68 -28.25 18.33 14.89
N ILE B 69 -27.44 18.36 13.84
CA ILE B 69 -27.89 18.30 12.45
C ILE B 69 -26.83 17.57 11.65
N THR B 70 -27.28 16.77 10.72
CA THR B 70 -26.38 16.03 9.86
C THR B 70 -27.10 15.95 8.53
N SER B 71 -26.39 16.20 7.45
CA SER B 71 -26.98 16.16 6.12
C SER B 71 -26.09 15.33 5.25
N PHE B 72 -26.65 14.76 4.21
CA PHE B 72 -25.85 13.98 3.28
C PHE B 72 -26.65 13.59 2.06
N SER B 73 -25.90 13.20 1.04
CA SER B 73 -26.47 12.76 -0.21
C SER B 73 -25.92 11.37 -0.43
N PHE B 74 -26.76 10.47 -0.91
CA PHE B 74 -26.25 9.15 -1.18
C PHE B 74 -27.00 8.53 -2.35
N PHE B 75 -26.37 7.55 -2.96
CA PHE B 75 -26.96 6.83 -4.07
C PHE B 75 -26.53 5.38 -3.87
N MET B 76 -27.13 4.47 -4.61
CA MET B 76 -26.80 3.05 -4.47
C MET B 76 -26.62 2.40 -5.84
N GLU B 77 -25.97 1.25 -5.85
CA GLU B 77 -25.73 0.50 -7.08
C GLU B 77 -25.87 -0.99 -6.81
N THR B 78 -26.44 -1.71 -7.77
CA THR B 78 -26.65 -3.17 -7.66
C THR B 78 -26.84 -3.87 -9.01
N SER B 79 -26.38 -5.12 -9.07
CA SER B 79 -26.53 -5.99 -10.26
C SER B 79 -27.75 -6.89 -10.03
N ALA B 80 -28.53 -6.56 -8.99
CA ALA B 80 -29.74 -7.31 -8.64
C ALA B 80 -30.96 -6.44 -8.95
N ASN B 81 -32.15 -7.05 -8.87
CA ASN B 81 -33.37 -6.32 -9.14
C ASN B 81 -33.53 -5.35 -7.96
N PRO B 82 -33.70 -4.04 -8.25
CA PRO B 82 -33.86 -3.04 -7.18
C PRO B 82 -34.87 -3.54 -6.15
N LYS B 83 -36.00 -4.03 -6.65
CA LYS B 83 -37.09 -4.58 -5.84
C LYS B 83 -36.56 -5.59 -4.80
N ALA B 84 -35.64 -6.45 -5.22
CA ALA B 84 -35.06 -7.47 -4.36
C ALA B 84 -33.69 -7.15 -3.73
N ALA B 85 -33.10 -5.99 -4.05
CA ALA B 85 -31.78 -5.60 -3.51
C ALA B 85 -31.82 -5.17 -2.03
N THR B 86 -30.87 -5.67 -1.25
CA THR B 86 -30.76 -5.41 0.19
C THR B 86 -29.51 -4.56 0.49
N ASP B 87 -29.37 -4.01 1.70
CA ASP B 87 -30.28 -4.10 2.86
C ASP B 87 -30.58 -2.66 3.28
N GLY B 88 -29.67 -1.76 2.88
CA GLY B 88 -29.81 -0.34 3.19
C GLY B 88 -28.59 0.23 3.92
N LEU B 89 -28.77 1.41 4.50
CA LEU B 89 -27.71 2.07 5.25
C LEU B 89 -28.33 2.89 6.38
N THR B 90 -27.50 3.21 7.37
CA THR B 90 -27.97 4.00 8.49
C THR B 90 -26.97 5.07 8.89
N PHE B 91 -27.45 6.06 9.62
CA PHE B 91 -26.59 7.08 10.17
C PHE B 91 -26.72 6.80 11.65
N PHE B 92 -25.63 6.73 12.40
CA PHE B 92 -25.78 6.44 13.81
C PHE B 92 -24.88 7.11 14.82
N LEU B 93 -25.31 7.01 16.08
CA LEU B 93 -24.62 7.51 17.25
C LEU B 93 -24.50 6.27 18.11
N ALA B 94 -23.34 6.04 18.71
CA ALA B 94 -23.15 4.85 19.53
C ALA B 94 -21.81 4.92 20.22
N PRO B 95 -21.55 4.01 21.18
CA PRO B 95 -20.25 4.03 21.88
C PRO B 95 -19.12 4.13 20.84
N PRO B 96 -18.17 5.08 21.06
CA PRO B 96 -17.07 5.27 20.11
C PRO B 96 -16.30 4.00 19.75
N ASP B 97 -16.37 2.99 20.60
CA ASP B 97 -15.65 1.76 20.30
C ASP B 97 -16.52 0.54 20.04
N SER B 98 -17.74 0.77 19.54
CA SER B 98 -18.67 -0.30 19.22
C SER B 98 -18.00 -1.22 18.21
N PRO B 99 -17.92 -2.52 18.52
CA PRO B 99 -17.29 -3.45 17.58
C PRO B 99 -18.19 -3.66 16.35
N LEU B 100 -17.63 -4.16 15.26
CA LEU B 100 -18.45 -4.40 14.09
C LEU B 100 -19.32 -5.59 14.46
N ARG B 101 -20.63 -5.37 14.45
CA ARG B 101 -21.57 -6.44 14.76
C ARG B 101 -22.06 -7.03 13.45
N ARG B 102 -22.97 -7.98 13.55
CA ARG B 102 -23.53 -8.68 12.40
C ARG B 102 -24.11 -7.75 11.34
N ALA B 103 -23.84 -8.07 10.08
CA ALA B 103 -24.37 -7.27 8.99
C ALA B 103 -25.53 -8.00 8.31
N GLY B 104 -25.79 -7.67 7.05
CA GLY B 104 -26.90 -8.27 6.33
C GLY B 104 -28.06 -7.37 6.67
N GLY B 105 -29.09 -7.92 7.29
CA GLY B 105 -30.23 -7.08 7.66
C GLY B 105 -29.98 -6.41 8.99
N TYR B 106 -28.83 -6.72 9.59
CA TYR B 106 -28.46 -6.16 10.88
C TYR B 106 -27.45 -4.99 10.84
N PHE B 107 -27.36 -4.36 9.68
CA PHE B 107 -26.50 -3.19 9.42
C PHE B 107 -25.15 -3.10 10.11
N GLY B 108 -24.58 -4.22 10.51
CA GLY B 108 -23.30 -4.18 11.21
C GLY B 108 -23.46 -3.73 12.66
N LEU B 109 -24.66 -3.25 12.99
CA LEU B 109 -24.99 -2.75 14.32
C LEU B 109 -25.59 -3.75 15.31
N PHE B 110 -26.24 -4.83 14.82
CA PHE B 110 -26.92 -5.77 15.71
C PHE B 110 -26.60 -7.24 15.57
N ASN B 111 -26.69 -7.95 16.69
CA ASN B 111 -26.42 -9.38 16.75
C ASN B 111 -27.61 -10.14 16.12
N ASP B 112 -28.82 -9.68 16.42
CA ASP B 112 -30.09 -10.24 15.91
C ASP B 112 -31.25 -9.31 16.25
N THR B 113 -32.49 -9.75 16.04
CA THR B 113 -33.68 -8.93 16.28
C THR B 113 -34.06 -8.56 17.72
N LYS B 114 -33.28 -9.03 18.69
CA LYS B 114 -33.57 -8.73 20.09
C LYS B 114 -33.20 -7.30 20.53
N CYS B 115 -34.17 -6.60 21.11
CA CYS B 115 -33.96 -5.24 21.61
C CYS B 115 -33.11 -5.27 22.88
N ASP B 116 -31.96 -4.59 22.83
CA ASP B 116 -31.06 -4.55 23.95
C ASP B 116 -30.58 -3.13 24.20
N SER B 117 -30.62 -2.70 25.45
CA SER B 117 -30.18 -1.36 25.82
C SER B 117 -28.65 -1.22 25.86
N SER B 118 -27.94 -2.32 26.07
CA SER B 118 -26.48 -2.33 26.12
C SER B 118 -25.83 -1.93 24.78
N TYR B 119 -26.66 -1.75 23.76
CA TYR B 119 -26.16 -1.33 22.45
C TYR B 119 -25.80 0.15 22.54
N GLN B 120 -26.68 0.93 23.19
CA GLN B 120 -26.53 2.38 23.36
C GLN B 120 -26.42 3.01 21.97
N THR B 121 -27.22 2.47 21.05
CA THR B 121 -27.22 2.88 19.66
C THR B 121 -28.50 3.62 19.23
N VAL B 122 -28.33 4.74 18.57
CA VAL B 122 -29.45 5.50 18.06
C VAL B 122 -29.12 5.71 16.59
N ALA B 123 -29.78 4.95 15.74
CA ALA B 123 -29.56 5.04 14.31
C ALA B 123 -30.81 5.42 13.56
N VAL B 124 -30.62 5.97 12.37
CA VAL B 124 -31.72 6.33 11.50
C VAL B 124 -31.41 5.43 10.34
N GLU B 125 -32.33 4.52 10.03
CA GLU B 125 -32.12 3.60 8.96
C GLU B 125 -32.88 3.93 7.69
N PHE B 126 -32.31 3.47 6.60
CA PHE B 126 -32.87 3.60 5.27
C PHE B 126 -32.87 2.13 4.86
N ASP B 127 -33.89 1.42 5.34
CA ASP B 127 -34.06 0.00 5.08
C ASP B 127 -34.66 -0.27 3.69
N THR B 128 -33.94 -1.04 2.89
CA THR B 128 -34.42 -1.36 1.55
C THR B 128 -35.22 -2.65 1.51
N ILE B 129 -35.01 -3.51 2.51
CA ILE B 129 -35.75 -4.76 2.54
C ILE B 129 -36.36 -5.11 3.91
N GLY B 130 -37.69 -5.23 3.90
CA GLY B 130 -38.41 -5.58 5.11
C GLY B 130 -38.95 -6.99 4.95
N SER B 131 -40.18 -7.20 5.38
CA SER B 131 -40.83 -8.51 5.25
C SER B 131 -41.39 -8.66 3.83
N PRO B 132 -41.56 -9.92 3.38
CA PRO B 132 -41.27 -11.17 4.08
C PRO B 132 -39.80 -11.55 4.25
N VAL B 133 -38.92 -10.95 3.43
CA VAL B 133 -37.49 -11.27 3.48
C VAL B 133 -36.89 -11.20 4.89
N ASN B 134 -37.27 -10.19 5.66
CA ASN B 134 -36.79 -10.04 7.05
C ASN B 134 -38.07 -10.01 7.91
N PHE B 135 -38.22 -10.98 8.81
CA PHE B 135 -39.42 -11.06 9.67
C PHE B 135 -39.62 -10.01 10.76
N TRP B 136 -39.17 -8.77 10.55
CA TRP B 136 -39.32 -7.72 11.56
C TRP B 136 -39.69 -6.30 11.09
N ASP B 137 -39.41 -5.99 9.82
CA ASP B 137 -39.69 -4.66 9.28
C ASP B 137 -40.98 -4.67 8.52
N PRO B 138 -41.45 -3.50 8.07
CA PRO B 138 -42.70 -3.49 7.30
C PRO B 138 -42.41 -4.29 6.01
N GLY B 139 -43.47 -4.77 5.36
CA GLY B 139 -43.31 -5.57 4.15
C GLY B 139 -42.88 -4.82 2.90
N PHE B 140 -42.08 -3.78 3.07
CA PHE B 140 -41.59 -2.94 1.97
C PHE B 140 -40.38 -2.12 2.46
N PRO B 141 -39.65 -1.47 1.55
CA PRO B 141 -38.49 -0.64 1.93
C PRO B 141 -39.01 0.61 2.66
N HIS B 142 -38.24 1.13 3.60
CA HIS B 142 -38.69 2.27 4.42
C HIS B 142 -37.53 2.89 5.19
N ILE B 143 -37.76 4.06 5.77
CA ILE B 143 -36.74 4.69 6.62
C ILE B 143 -37.22 4.49 8.06
N GLY B 144 -36.36 4.74 9.05
CA GLY B 144 -36.81 4.56 10.42
C GLY B 144 -35.88 5.03 11.52
N ILE B 145 -36.46 5.29 12.69
CA ILE B 145 -35.69 5.74 13.85
C ILE B 145 -35.52 4.57 14.81
N ASP B 146 -34.34 3.96 14.80
CA ASP B 146 -34.04 2.81 15.65
C ASP B 146 -33.33 3.20 16.93
N VAL B 147 -33.83 2.69 18.04
CA VAL B 147 -33.27 2.98 19.33
C VAL B 147 -32.94 1.68 20.02
N ASN B 148 -31.65 1.35 20.10
CA ASN B 148 -31.19 0.13 20.76
C ASN B 148 -31.71 -1.18 20.17
N CYS B 149 -32.25 -1.11 18.95
CA CYS B 149 -32.81 -2.30 18.30
C CYS B 149 -32.98 -2.09 16.80
N VAL B 150 -33.01 -3.20 16.04
CA VAL B 150 -33.21 -3.17 14.60
C VAL B 150 -34.74 -3.04 14.29
N LYS B 151 -35.52 -2.81 15.33
CA LYS B 151 -36.97 -2.65 15.19
C LYS B 151 -37.36 -1.18 15.43
N SER B 152 -37.73 -0.49 14.36
CA SER B 152 -38.09 0.92 14.42
C SER B 152 -39.25 1.27 15.34
N ILE B 153 -39.05 2.29 16.17
CA ILE B 153 -40.08 2.77 17.07
C ILE B 153 -41.03 3.62 16.19
N ASN B 154 -40.59 3.88 14.97
CA ASN B 154 -41.34 4.66 13.99
C ASN B 154 -40.70 4.42 12.62
N ALA B 155 -41.51 4.41 11.57
CA ALA B 155 -41.03 4.18 10.20
C ALA B 155 -41.94 4.88 9.20
N GLU B 156 -41.43 5.08 7.99
CA GLU B 156 -42.22 5.70 6.92
C GLU B 156 -41.96 4.90 5.66
N ARG B 157 -42.96 4.80 4.80
CA ARG B 157 -42.75 4.04 3.58
C ARG B 157 -41.70 4.77 2.75
N TRP B 158 -40.83 3.99 2.11
CA TRP B 158 -39.76 4.56 1.28
C TRP B 158 -39.66 3.88 -0.08
N ASN B 159 -40.00 4.64 -1.13
CA ASN B 159 -39.93 4.17 -2.52
C ASN B 159 -38.50 4.37 -3.01
N LYS B 160 -37.63 3.43 -2.66
CA LYS B 160 -36.23 3.50 -3.04
C LYS B 160 -35.98 3.62 -4.53
N ARG B 161 -35.03 4.48 -4.88
CA ARG B 161 -34.61 4.71 -6.26
C ARG B 161 -33.13 4.39 -6.27
N TYR B 162 -32.63 3.86 -7.38
CA TYR B 162 -31.21 3.48 -7.45
C TYR B 162 -30.39 4.24 -8.50
N GLY B 163 -29.06 4.11 -8.39
CA GLY B 163 -28.14 4.77 -9.30
C GLY B 163 -27.70 6.18 -8.94
N LEU B 164 -26.56 6.61 -9.50
CA LEU B 164 -26.02 7.96 -9.24
C LEU B 164 -27.01 9.05 -9.66
N ASN B 165 -27.77 8.80 -10.72
CA ASN B 165 -28.74 9.79 -11.19
C ASN B 165 -29.98 9.83 -10.29
N ASN B 166 -29.94 9.04 -9.21
CA ASN B 166 -31.02 8.99 -8.23
C ASN B 166 -30.41 9.11 -6.83
N VAL B 167 -29.73 10.23 -6.60
CA VAL B 167 -29.09 10.54 -5.33
C VAL B 167 -30.19 11.08 -4.41
N ALA B 168 -30.00 10.97 -3.09
CA ALA B 168 -31.01 11.44 -2.13
C ALA B 168 -30.46 12.37 -1.06
N ASN B 169 -31.23 13.41 -0.77
CA ASN B 169 -30.86 14.39 0.25
C ASN B 169 -31.45 14.07 1.64
N VAL B 170 -30.62 13.52 2.53
CA VAL B 170 -31.08 13.22 3.88
C VAL B 170 -30.67 14.37 4.78
N GLU B 171 -31.60 14.83 5.60
CA GLU B 171 -31.35 15.94 6.51
C GLU B 171 -31.91 15.64 7.91
N ILE B 172 -31.08 14.99 8.72
CA ILE B 172 -31.46 14.59 10.08
C ILE B 172 -31.21 15.71 11.10
N ILE B 173 -32.12 15.84 12.04
CA ILE B 173 -32.02 16.86 13.07
C ILE B 173 -32.31 16.25 14.44
N TYR B 174 -32.06 17.00 15.50
CA TYR B 174 -32.36 16.57 16.86
C TYR B 174 -32.42 17.84 17.70
N GLU B 175 -33.63 18.30 17.97
CA GLU B 175 -33.87 19.49 18.77
C GLU B 175 -33.90 19.10 20.24
N ALA B 176 -32.72 18.96 20.86
CA ALA B 176 -32.55 18.60 22.27
C ALA B 176 -33.61 19.17 23.19
N SER B 177 -33.99 20.41 22.92
CA SER B 177 -35.01 21.11 23.71
C SER B 177 -36.19 20.19 23.98
N SER B 178 -36.86 19.77 22.89
CA SER B 178 -38.04 18.89 22.92
C SER B 178 -37.75 17.39 22.89
N LYS B 179 -36.47 17.03 22.77
CA LYS B 179 -36.07 15.63 22.74
C LYS B 179 -36.56 14.89 21.50
N THR B 180 -36.88 15.62 20.43
CA THR B 180 -37.35 14.98 19.20
C THR B 180 -36.28 14.83 18.12
N LEU B 181 -36.22 13.63 17.54
CA LEU B 181 -35.28 13.31 16.48
C LEU B 181 -36.14 13.26 15.22
N THR B 182 -35.58 13.70 14.09
CA THR B 182 -36.35 13.67 12.85
C THR B 182 -35.48 13.62 11.59
N ALA B 183 -35.62 12.50 10.89
CA ALA B 183 -34.88 12.24 9.67
C ALA B 183 -35.71 12.73 8.50
N SER B 184 -35.04 12.93 7.37
CA SER B 184 -35.69 13.43 6.18
C SER B 184 -34.97 12.97 4.91
N LEU B 185 -35.74 12.78 3.84
CA LEU B 185 -35.17 12.34 2.58
C LEU B 185 -35.87 13.06 1.45
N THR B 186 -35.08 13.61 0.54
CA THR B 186 -35.60 14.33 -0.62
C THR B 186 -34.88 13.85 -1.88
N TYR B 187 -35.64 13.36 -2.85
CA TYR B 187 -35.05 12.97 -4.12
C TYR B 187 -35.11 14.26 -4.91
N PRO B 188 -33.93 14.90 -5.11
CA PRO B 188 -33.77 16.16 -5.83
C PRO B 188 -34.43 16.20 -7.22
N SER B 189 -34.24 15.12 -7.99
CA SER B 189 -34.75 14.99 -9.35
C SER B 189 -36.14 15.55 -9.57
N ASP B 190 -37.13 15.07 -8.82
CA ASP B 190 -38.51 15.56 -8.94
C ASP B 190 -39.01 16.23 -7.66
N GLN B 191 -38.08 16.50 -6.75
CA GLN B 191 -38.37 17.15 -5.47
C GLN B 191 -39.53 16.56 -4.68
N THR B 192 -39.34 15.33 -4.22
CA THR B 192 -40.33 14.63 -3.41
C THR B 192 -39.62 14.21 -2.15
N SER B 193 -40.27 14.35 -0.99
CA SER B 193 -39.63 13.99 0.27
C SER B 193 -40.51 13.31 1.30
N ILE B 194 -39.87 12.50 2.15
CA ILE B 194 -40.54 11.79 3.23
C ILE B 194 -39.79 12.04 4.55
N SER B 195 -40.40 11.70 5.67
CA SER B 195 -39.75 11.89 6.96
C SER B 195 -40.37 11.06 8.07
N VAL B 196 -39.74 11.14 9.24
CA VAL B 196 -40.17 10.46 10.45
C VAL B 196 -39.66 11.29 11.64
N THR B 197 -40.50 11.43 12.65
CA THR B 197 -40.16 12.18 13.86
C THR B 197 -40.51 11.28 15.03
N SER B 198 -39.61 11.18 16.00
CA SER B 198 -39.89 10.34 17.15
C SER B 198 -39.16 10.86 18.35
N ILE B 199 -39.92 11.28 19.36
CA ILE B 199 -39.29 11.78 20.57
C ILE B 199 -38.54 10.67 21.28
N VAL B 200 -37.22 10.86 21.32
CA VAL B 200 -36.28 9.92 21.93
C VAL B 200 -35.25 10.72 22.72
N ASP B 201 -35.20 10.50 24.03
CA ASP B 201 -34.29 11.21 24.93
C ASP B 201 -32.90 10.55 24.87
N LEU B 202 -31.96 11.17 24.14
CA LEU B 202 -30.61 10.60 23.98
C LEU B 202 -29.84 10.40 25.28
N LYS B 203 -30.21 11.17 26.28
CA LYS B 203 -29.59 11.12 27.60
C LYS B 203 -29.86 9.76 28.28
N GLU B 204 -31.02 9.15 27.99
CA GLU B 204 -31.44 7.86 28.54
C GLU B 204 -30.93 6.65 27.76
N ILE B 205 -30.32 6.90 26.60
CA ILE B 205 -29.84 5.84 25.70
C ILE B 205 -28.33 5.79 25.40
N LEU B 206 -27.78 6.94 24.99
CA LEU B 206 -26.38 7.03 24.63
C LEU B 206 -25.45 7.50 25.72
N PRO B 207 -24.18 7.03 25.70
CA PRO B 207 -23.20 7.46 26.70
C PRO B 207 -22.83 8.91 26.37
N GLU B 208 -22.22 9.60 27.33
CA GLU B 208 -21.83 10.99 27.14
C GLU B 208 -21.09 11.24 25.83
N TRP B 209 -20.07 10.43 25.55
CA TRP B 209 -19.29 10.56 24.31
C TRP B 209 -19.62 9.40 23.36
N VAL B 210 -20.23 9.74 22.22
CA VAL B 210 -20.60 8.76 21.22
C VAL B 210 -19.89 9.05 19.92
N SER B 211 -20.02 8.13 18.97
CA SER B 211 -19.43 8.29 17.65
C SER B 211 -20.53 8.63 16.65
N VAL B 212 -20.15 9.24 15.53
CA VAL B 212 -21.11 9.57 14.50
C VAL B 212 -20.60 9.02 13.19
N GLY B 213 -21.44 8.25 12.51
CA GLY B 213 -21.01 7.69 11.27
C GLY B 213 -22.12 7.07 10.46
N PHE B 214 -21.71 6.22 9.53
CA PHE B 214 -22.64 5.53 8.67
C PHE B 214 -22.35 4.03 8.69
N SER B 215 -23.25 3.30 8.04
CA SER B 215 -23.15 1.85 7.90
C SER B 215 -23.93 1.51 6.64
N GLY B 216 -23.45 0.51 5.92
CA GLY B 216 -24.07 0.07 4.70
C GLY B 216 -24.02 -1.43 4.78
N SER B 217 -25.11 -2.10 4.40
CA SER B 217 -25.17 -3.56 4.50
C SER B 217 -25.79 -4.20 3.29
N THR B 218 -25.49 -5.47 3.07
CA THR B 218 -26.06 -6.19 1.95
C THR B 218 -26.06 -7.72 2.15
N TYR B 219 -26.80 -8.42 1.29
CA TYR B 219 -26.92 -9.87 1.43
C TYR B 219 -26.65 -10.55 0.09
N ILE B 220 -26.07 -11.74 0.16
CA ILE B 220 -25.73 -12.55 -1.00
C ILE B 220 -26.93 -12.81 -1.92
N GLY B 221 -26.73 -12.60 -3.23
CA GLY B 221 -27.81 -12.80 -4.19
C GLY B 221 -28.69 -11.59 -4.39
N ARG B 222 -28.54 -10.60 -3.52
CA ARG B 222 -29.32 -9.35 -3.60
C ARG B 222 -28.37 -8.16 -3.28
N GLN B 223 -27.06 -8.42 -3.37
CA GLN B 223 -26.00 -7.44 -3.10
C GLN B 223 -26.11 -6.07 -3.74
N ALA B 224 -25.77 -5.06 -2.95
CA ALA B 224 -25.77 -3.66 -3.38
C ALA B 224 -24.77 -2.87 -2.53
N THR B 225 -24.18 -1.84 -3.14
CA THR B 225 -23.22 -0.97 -2.45
C THR B 225 -23.93 0.35 -2.20
N HIS B 226 -23.75 0.87 -0.99
CA HIS B 226 -24.37 2.11 -0.59
C HIS B 226 -23.27 3.12 -0.35
N GLU B 227 -23.36 4.25 -1.04
CA GLU B 227 -22.32 5.25 -0.94
C GLU B 227 -22.78 6.67 -0.72
N VAL B 228 -22.03 7.38 0.11
CA VAL B 228 -22.32 8.77 0.44
C VAL B 228 -21.35 9.71 -0.30
N LEU B 229 -21.90 10.79 -0.85
CA LEU B 229 -21.14 11.79 -1.59
C LEU B 229 -20.55 12.85 -0.69
N ASN B 230 -21.35 13.33 0.25
CA ASN B 230 -20.89 14.37 1.17
C ASN B 230 -21.52 14.19 2.52
N TRP B 231 -20.99 14.88 3.53
CA TRP B 231 -21.49 14.77 4.89
C TRP B 231 -21.22 15.97 5.77
N TYR B 232 -22.27 16.72 6.08
CA TYR B 232 -22.13 17.86 6.96
C TYR B 232 -22.61 17.40 8.33
N PHE B 233 -22.02 17.93 9.39
CA PHE B 233 -22.39 17.56 10.74
C PHE B 233 -22.06 18.63 11.77
N THR B 234 -23.06 19.07 12.50
CA THR B 234 -22.86 20.05 13.54
C THR B 234 -23.65 19.63 14.77
N SER B 235 -23.15 20.03 15.91
CA SER B 235 -23.76 19.74 17.18
C SER B 235 -23.30 20.81 18.14
N THR B 236 -24.16 21.14 19.09
CA THR B 236 -23.79 22.17 20.04
C THR B 236 -24.60 22.01 21.30
N PHE B 237 -23.99 22.39 22.42
CA PHE B 237 -24.67 22.30 23.72
C PHE B 237 -25.45 23.54 24.05
N ILE B 238 -25.16 24.62 23.33
CA ILE B 238 -25.83 25.87 23.57
C ILE B 238 -26.98 25.86 22.61
N ASN B 239 -27.92 24.96 22.90
CA ASN B 239 -29.15 24.76 22.13
C ASN B 239 -28.95 24.83 20.60
N THR B 240 -29.96 25.35 19.91
CA THR B 240 -29.93 25.57 18.46
C THR B 240 -29.48 24.43 17.51
N SER C 1 9.81 -13.25 -7.43
CA SER C 1 9.57 -11.80 -7.69
C SER C 1 8.13 -11.41 -7.39
N ASP C 2 7.85 -10.13 -7.40
CA ASP C 2 6.50 -9.64 -7.15
C ASP C 2 5.82 -9.60 -8.50
N ASP C 3 6.57 -9.11 -9.50
CA ASP C 3 6.12 -9.00 -10.89
C ASP C 3 7.02 -9.87 -11.72
N LEU C 4 6.55 -10.28 -12.88
CA LEU C 4 7.33 -11.11 -13.78
C LEU C 4 6.59 -11.13 -15.09
N SER C 5 7.33 -10.96 -16.17
CA SER C 5 6.77 -10.96 -17.50
C SER C 5 7.84 -11.30 -18.51
N PHE C 6 7.42 -11.94 -19.59
CA PHE C 6 8.31 -12.32 -20.66
C PHE C 6 7.51 -12.47 -21.92
N LYS C 7 8.18 -12.39 -23.05
CA LYS C 7 7.49 -12.50 -24.31
C LYS C 7 8.44 -13.11 -25.29
N PHE C 8 8.02 -14.24 -25.86
CA PHE C 8 8.79 -14.94 -26.86
C PHE C 8 8.12 -14.61 -28.19
N LYS C 9 8.86 -13.97 -29.09
CA LYS C 9 8.33 -13.64 -30.42
C LYS C 9 8.27 -14.98 -31.18
N ASN C 10 9.30 -15.78 -30.92
CA ASN C 10 9.51 -17.10 -31.47
C ASN C 10 10.41 -17.81 -30.45
N PHE C 11 11.07 -18.90 -30.85
CA PHE C 11 11.94 -19.63 -29.94
C PHE C 11 13.24 -19.95 -30.67
N SER C 12 14.29 -20.29 -29.92
CA SER C 12 15.58 -20.61 -30.55
C SER C 12 16.10 -21.99 -30.16
N GLN C 13 16.74 -22.64 -31.13
CA GLN C 13 17.27 -23.99 -30.93
C GLN C 13 18.25 -24.14 -29.80
N ASN C 14 19.03 -23.09 -29.55
CA ASN C 14 20.02 -23.14 -28.49
C ASN C 14 19.65 -22.21 -27.34
N GLY C 15 18.35 -21.98 -27.18
CA GLY C 15 17.84 -21.12 -26.11
C GLY C 15 18.30 -21.63 -24.77
N LYS C 16 18.22 -20.80 -23.74
CA LYS C 16 18.71 -21.22 -22.43
C LYS C 16 17.79 -20.93 -21.26
N ASP C 17 16.50 -20.74 -21.54
CA ASP C 17 15.54 -20.39 -20.48
C ASP C 17 14.27 -21.26 -20.41
N LEU C 18 14.37 -22.50 -20.85
CA LEU C 18 13.23 -23.41 -20.82
C LEU C 18 13.69 -24.77 -20.30
N SER C 19 12.85 -25.39 -19.49
CA SER C 19 13.16 -26.71 -18.96
C SER C 19 12.42 -27.64 -19.88
N PHE C 20 13.10 -28.67 -20.37
CA PHE C 20 12.47 -29.62 -21.24
C PHE C 20 12.36 -30.98 -20.60
N GLN C 21 11.21 -31.60 -20.80
CA GLN C 21 10.95 -32.93 -20.28
C GLN C 21 10.26 -33.66 -21.41
N GLY C 22 10.46 -34.96 -21.50
CA GLY C 22 9.82 -35.72 -22.54
C GLY C 22 10.41 -35.41 -23.91
N ASN C 23 9.59 -35.54 -24.94
CA ASN C 23 10.08 -35.31 -26.28
C ASN C 23 9.62 -33.99 -26.85
N ALA C 24 9.71 -32.95 -26.02
CA ALA C 24 9.35 -31.59 -26.42
C ALA C 24 10.67 -30.82 -26.66
N SER C 25 10.66 -29.86 -27.58
CA SER C 25 11.85 -29.04 -27.86
C SER C 25 11.62 -28.02 -28.96
N VAL C 26 12.57 -27.09 -29.10
CA VAL C 26 12.51 -26.07 -30.14
C VAL C 26 13.11 -26.67 -31.42
N ILE C 27 12.30 -26.74 -32.47
CA ILE C 27 12.76 -27.31 -33.74
C ILE C 27 13.38 -26.22 -34.61
N GLU C 28 13.99 -26.64 -35.72
CA GLU C 28 14.66 -25.70 -36.63
C GLU C 28 13.81 -24.49 -37.02
N THR C 29 12.48 -24.66 -37.03
CA THR C 29 11.58 -23.57 -37.39
C THR C 29 11.46 -22.49 -36.32
N GLY C 30 12.16 -22.69 -35.21
CA GLY C 30 12.10 -21.71 -34.13
C GLY C 30 10.69 -21.69 -33.59
N VAL C 31 10.08 -22.86 -33.58
CA VAL C 31 8.72 -23.11 -33.11
C VAL C 31 8.90 -24.06 -31.93
N LEU C 32 8.09 -23.91 -30.89
CA LEU C 32 8.21 -24.81 -29.73
C LEU C 32 7.34 -26.05 -29.90
N GLN C 33 7.97 -27.14 -30.31
CA GLN C 33 7.32 -28.43 -30.54
C GLN C 33 7.14 -29.15 -29.20
N LEU C 34 5.88 -29.22 -28.73
CA LEU C 34 5.54 -29.84 -27.46
C LEU C 34 5.67 -31.36 -27.41
N ASN C 35 5.52 -32.01 -28.55
CA ASN C 35 5.66 -33.46 -28.63
C ASN C 35 5.90 -33.87 -30.05
N LYS C 36 6.52 -35.03 -30.21
CA LYS C 36 6.80 -35.55 -31.53
C LYS C 36 5.73 -36.56 -31.95
N VAL C 37 5.94 -37.15 -33.13
CA VAL C 37 5.09 -38.19 -33.72
C VAL C 37 6.04 -39.18 -34.39
N GLY C 38 5.52 -40.27 -34.91
CA GLY C 38 6.36 -41.27 -35.56
C GLY C 38 6.67 -42.50 -34.73
N ASN C 39 7.63 -43.28 -35.23
CA ASN C 39 8.03 -44.51 -34.59
C ASN C 39 9.07 -44.24 -33.49
N ASN C 40 9.47 -45.30 -32.81
CA ASN C 40 10.43 -45.23 -31.70
C ASN C 40 9.83 -44.41 -30.56
N LEU C 41 8.50 -44.29 -30.59
CA LEU C 41 7.78 -43.55 -29.58
C LEU C 41 6.83 -44.51 -28.86
N PRO C 42 6.55 -44.23 -27.58
CA PRO C 42 5.63 -45.06 -26.79
C PRO C 42 4.22 -44.76 -27.29
N ASP C 43 3.29 -45.68 -27.05
CA ASP C 43 1.89 -45.52 -27.47
C ASP C 43 1.38 -44.20 -26.92
N GLU C 44 1.63 -44.01 -25.63
CA GLU C 44 1.26 -42.76 -24.97
C GLU C 44 2.57 -41.98 -24.97
N THR C 45 2.60 -40.87 -25.71
CA THR C 45 3.81 -40.04 -25.84
C THR C 45 3.55 -38.52 -25.77
N GLY C 46 4.52 -37.80 -25.21
CA GLY C 46 4.37 -36.36 -25.12
C GLY C 46 5.60 -35.63 -24.60
N GLY C 47 5.44 -34.36 -24.24
CA GLY C 47 6.55 -33.60 -23.73
C GLY C 47 6.11 -32.36 -22.98
N ILE C 48 6.91 -31.96 -21.99
CA ILE C 48 6.62 -30.78 -21.19
C ILE C 48 7.70 -29.72 -21.43
N ALA C 49 7.24 -28.49 -21.59
CA ALA C 49 8.11 -27.34 -21.80
C ALA C 49 7.63 -26.24 -20.87
N ARG C 50 8.44 -25.92 -19.87
CA ARG C 50 8.09 -24.86 -18.92
C ARG C 50 9.22 -23.84 -18.81
N TYR C 51 8.86 -22.64 -18.34
CA TYR C 51 9.83 -21.57 -18.17
C TYR C 51 10.85 -22.04 -17.13
N ILE C 52 12.10 -21.63 -17.32
CA ILE C 52 13.20 -22.03 -16.42
C ILE C 52 13.08 -21.44 -15.02
N ALA C 53 12.52 -20.24 -14.93
CA ALA C 53 12.37 -19.58 -13.65
C ALA C 53 11.00 -19.76 -13.02
N PRO C 54 10.97 -20.21 -11.75
CA PRO C 54 9.78 -20.44 -10.95
C PRO C 54 9.05 -19.13 -10.65
N ILE C 55 7.75 -19.12 -10.88
CA ILE C 55 6.90 -17.96 -10.65
C ILE C 55 6.40 -17.93 -9.20
N HIS C 56 6.40 -16.74 -8.60
CA HIS C 56 5.91 -16.59 -7.23
C HIS C 56 4.41 -16.28 -7.34
N ILE C 57 3.62 -17.35 -7.33
CA ILE C 57 2.17 -17.26 -7.48
C ILE C 57 1.37 -16.72 -6.30
N TRP C 58 1.78 -17.01 -5.07
CA TRP C 58 1.11 -16.47 -3.90
C TRP C 58 2.07 -16.38 -2.74
N ASN C 59 1.90 -15.37 -1.91
CA ASN C 59 2.78 -15.18 -0.77
C ASN C 59 2.04 -15.48 0.50
N CYS C 60 2.49 -16.53 1.19
CA CYS C 60 1.90 -16.96 2.46
C CYS C 60 2.02 -16.00 3.65
N ASN C 61 2.99 -15.08 3.60
CA ASN C 61 3.15 -14.14 4.70
C ASN C 61 2.31 -12.88 4.57
N THR C 62 2.26 -12.33 3.36
CA THR C 62 1.47 -11.11 3.11
C THR C 62 0.01 -11.46 2.86
N GLY C 63 -0.24 -12.74 2.52
CA GLY C 63 -1.58 -13.21 2.25
C GLY C 63 -1.96 -13.03 0.79
N GLU C 64 -1.15 -12.25 0.07
CA GLU C 64 -1.40 -11.94 -1.34
C GLU C 64 -1.34 -13.12 -2.28
N LEU C 65 -2.20 -13.07 -3.27
CA LEU C 65 -2.27 -14.07 -4.31
C LEU C 65 -2.04 -13.26 -5.57
N ALA C 66 -1.14 -13.73 -6.43
CA ALA C 66 -0.82 -13.04 -7.66
C ALA C 66 -1.84 -13.25 -8.78
N SER C 67 -1.91 -12.27 -9.67
CA SER C 67 -2.78 -12.29 -10.82
C SER C 67 -1.88 -12.44 -12.02
N PHE C 68 -2.41 -12.94 -13.12
CA PHE C 68 -1.60 -13.15 -14.31
C PHE C 68 -2.38 -13.31 -15.60
N ILE C 69 -1.69 -13.02 -16.69
CA ILE C 69 -2.22 -13.11 -18.03
C ILE C 69 -1.17 -13.84 -18.85
N THR C 70 -1.65 -14.61 -19.80
CA THR C 70 -0.78 -15.34 -20.70
C THR C 70 -1.51 -15.40 -22.02
N SER C 71 -0.76 -15.68 -23.08
CA SER C 71 -1.34 -15.79 -24.40
C SER C 71 -0.34 -16.48 -25.28
N PHE C 72 -0.83 -17.08 -26.34
CA PHE C 72 0.05 -17.80 -27.24
C PHE C 72 -0.73 -18.34 -28.41
N SER C 73 0.00 -18.65 -29.47
CA SER C 73 -0.60 -19.22 -30.66
C SER C 73 0.04 -20.56 -30.90
N PHE C 74 -0.78 -21.52 -31.27
CA PHE C 74 -0.28 -22.85 -31.54
C PHE C 74 -1.05 -23.31 -32.75
N PHE C 75 -0.57 -24.40 -33.36
CA PHE C 75 -1.24 -24.98 -34.49
C PHE C 75 -1.00 -26.48 -34.32
N MET C 76 -1.69 -27.30 -35.11
CA MET C 76 -1.54 -28.72 -34.98
C MET C 76 -1.22 -29.36 -36.32
N GLU C 77 -0.58 -30.53 -36.30
CA GLU C 77 -0.21 -31.23 -37.52
C GLU C 77 -0.34 -32.75 -37.35
N THR C 78 -1.09 -33.39 -38.23
CA THR C 78 -1.24 -34.84 -38.15
C THR C 78 -1.41 -35.51 -39.50
N SER C 79 -0.83 -36.70 -39.61
CA SER C 79 -0.94 -37.53 -40.79
C SER C 79 -2.22 -38.36 -40.63
N ALA C 80 -2.65 -38.53 -39.38
CA ALA C 80 -3.87 -39.29 -39.06
C ALA C 80 -5.11 -38.43 -39.27
N ASN C 81 -6.26 -39.09 -39.40
CA ASN C 81 -7.51 -38.40 -39.62
C ASN C 81 -7.79 -37.47 -38.46
N PRO C 82 -7.93 -36.15 -38.73
CA PRO C 82 -8.21 -35.13 -37.71
C PRO C 82 -9.18 -35.57 -36.62
N LYS C 83 -10.24 -36.29 -37.00
CA LYS C 83 -11.27 -36.77 -36.06
C LYS C 83 -10.68 -37.58 -34.94
N ALA C 84 -10.01 -38.67 -35.29
CA ALA C 84 -9.39 -39.57 -34.32
C ALA C 84 -8.03 -39.12 -33.81
N ALA C 85 -7.58 -37.93 -34.23
CA ALA C 85 -6.29 -37.40 -33.79
C ALA C 85 -6.36 -36.94 -32.33
N THR C 86 -5.42 -37.44 -31.53
CA THR C 86 -5.30 -37.18 -30.08
C THR C 86 -3.95 -36.49 -29.74
N ASP C 87 -3.80 -35.88 -28.56
CA ASP C 87 -4.79 -35.76 -27.48
C ASP C 87 -4.95 -34.28 -27.13
N GLY C 88 -3.93 -33.49 -27.49
CA GLY C 88 -3.98 -32.06 -27.23
C GLY C 88 -2.81 -31.47 -26.47
N LEU C 89 -2.99 -30.24 -25.99
CA LEU C 89 -1.97 -29.55 -25.24
C LEU C 89 -2.59 -28.72 -24.12
N THR C 90 -1.75 -28.24 -23.21
CA THR C 90 -2.23 -27.44 -22.08
C THR C 90 -1.24 -26.44 -21.52
N PHE C 91 -1.79 -25.40 -20.90
CA PHE C 91 -0.97 -24.40 -20.22
C PHE C 91 -1.18 -24.74 -18.76
N PHE C 92 -0.10 -24.92 -18.00
CA PHE C 92 -0.27 -25.27 -16.60
C PHE C 92 0.72 -24.67 -15.62
N LEU C 93 0.23 -24.51 -14.39
CA LEU C 93 0.99 -24.03 -13.25
C LEU C 93 1.06 -25.27 -12.39
N ALA C 94 2.25 -25.60 -11.93
CA ALA C 94 2.44 -26.79 -11.12
C ALA C 94 3.76 -26.68 -10.40
N PRO C 95 3.98 -27.47 -9.32
CA PRO C 95 5.25 -27.39 -8.60
C PRO C 95 6.42 -27.50 -9.58
N PRO C 96 7.39 -26.56 -9.46
CA PRO C 96 8.58 -26.45 -10.30
C PRO C 96 9.26 -27.77 -10.65
N ASP C 97 9.51 -28.55 -9.62
CA ASP C 97 10.18 -29.84 -9.70
C ASP C 97 9.33 -31.06 -10.13
N SER C 98 8.09 -30.83 -10.58
CA SER C 98 7.22 -31.94 -10.98
C SER C 98 7.83 -32.78 -12.10
N PRO C 99 7.65 -34.12 -12.02
CA PRO C 99 8.16 -35.04 -13.02
C PRO C 99 7.25 -35.20 -14.23
N LEU C 100 7.79 -35.75 -15.31
CA LEU C 100 6.99 -36.00 -16.50
C LEU C 100 6.04 -37.12 -16.10
N ARG C 101 4.74 -36.83 -16.12
CA ARG C 101 3.73 -37.84 -15.78
C ARG C 101 3.35 -38.62 -17.04
N ARG C 102 2.17 -39.21 -17.01
CA ARG C 102 1.68 -40.03 -18.12
C ARG C 102 1.20 -39.21 -19.29
N ALA C 103 1.53 -39.69 -20.49
CA ALA C 103 1.14 -39.02 -21.72
C ALA C 103 -0.19 -39.51 -22.27
N GLY C 104 -0.40 -39.34 -23.58
CA GLY C 104 -1.65 -39.76 -24.19
C GLY C 104 -2.71 -38.76 -23.78
N GLY C 105 -3.82 -39.26 -23.23
CA GLY C 105 -4.89 -38.36 -22.81
C GLY C 105 -4.64 -37.76 -21.44
N TYR C 106 -3.52 -38.11 -20.83
CA TYR C 106 -3.17 -37.63 -19.50
C TYR C 106 -2.25 -36.40 -19.55
N PHE C 107 -1.98 -35.94 -20.78
CA PHE C 107 -1.16 -34.75 -21.09
C PHE C 107 0.24 -34.59 -20.50
N GLY C 108 0.67 -35.50 -19.63
CA GLY C 108 1.98 -35.39 -19.00
C GLY C 108 1.85 -34.81 -17.59
N LEU C 109 0.64 -34.39 -17.21
CA LEU C 109 0.39 -33.83 -15.89
C LEU C 109 -0.13 -34.81 -14.84
N PHE C 110 -1.08 -35.66 -15.23
CA PHE C 110 -1.69 -36.61 -14.30
C PHE C 110 -1.44 -38.07 -14.63
N ASN C 111 -1.50 -38.92 -13.61
CA ASN C 111 -1.25 -40.37 -13.72
C ASN C 111 -2.40 -41.27 -14.22
N ASP C 112 -3.63 -40.82 -13.98
CA ASP C 112 -4.81 -41.57 -14.34
C ASP C 112 -6.05 -40.71 -14.23
N THR C 113 -7.21 -41.34 -14.13
CA THR C 113 -8.47 -40.63 -14.05
C THR C 113 -8.84 -40.11 -12.67
N LYS C 114 -8.04 -40.46 -11.67
CA LYS C 114 -8.26 -40.03 -10.28
C LYS C 114 -7.75 -38.65 -9.91
N CYS C 115 -8.47 -37.97 -9.01
CA CYS C 115 -8.07 -36.67 -8.52
C CYS C 115 -7.21 -36.82 -7.30
N ASP C 116 -6.24 -35.92 -7.16
CA ASP C 116 -5.37 -35.94 -6.02
C ASP C 116 -4.76 -34.57 -5.80
N SER C 117 -4.92 -34.05 -4.58
CA SER C 117 -4.40 -32.75 -4.19
C SER C 117 -2.89 -32.67 -4.44
N SER C 118 -2.20 -33.80 -4.29
CA SER C 118 -0.76 -33.90 -4.50
C SER C 118 -0.30 -33.19 -5.78
N TYR C 119 -1.05 -33.41 -6.86
CA TYR C 119 -0.72 -32.81 -8.16
C TYR C 119 -0.41 -31.32 -8.07
N GLN C 120 -1.20 -30.60 -7.28
CA GLN C 120 -1.02 -29.16 -7.13
C GLN C 120 -0.80 -28.60 -8.52
N THR C 121 -1.72 -28.94 -9.43
CA THR C 121 -1.67 -28.54 -10.83
C THR C 121 -2.95 -27.87 -11.29
N VAL C 122 -2.81 -26.68 -11.86
CA VAL C 122 -3.93 -25.94 -12.37
C VAL C 122 -3.60 -25.78 -13.84
N ALA C 123 -4.43 -26.37 -14.68
CA ALA C 123 -4.23 -26.35 -16.12
C ALA C 123 -5.45 -25.96 -16.93
N VAL C 124 -5.21 -25.50 -18.14
CA VAL C 124 -6.28 -25.14 -19.06
C VAL C 124 -5.97 -25.95 -20.30
N GLU C 125 -6.61 -27.10 -20.42
CA GLU C 125 -6.42 -28.01 -21.53
C GLU C 125 -7.22 -27.67 -22.78
N PHE C 126 -6.68 -28.08 -23.90
CA PHE C 126 -7.29 -27.90 -25.21
C PHE C 126 -7.28 -29.36 -25.71
N ASP C 127 -8.24 -30.12 -25.19
CA ASP C 127 -8.39 -31.53 -25.47
C ASP C 127 -8.92 -31.79 -26.88
N THR C 128 -8.18 -32.59 -27.64
CA THR C 128 -8.58 -32.91 -29.00
C THR C 128 -9.50 -34.11 -29.12
N ILE C 129 -9.35 -35.08 -28.21
CA ILE C 129 -10.19 -36.26 -28.24
C ILE C 129 -11.08 -36.35 -26.99
N GLY C 130 -12.34 -36.70 -27.20
CA GLY C 130 -13.29 -36.83 -26.09
C GLY C 130 -13.91 -38.22 -26.06
N SER C 131 -15.00 -38.39 -25.31
CA SER C 131 -15.67 -39.69 -25.20
C SER C 131 -16.34 -40.03 -26.53
N PRO C 132 -16.45 -41.34 -26.85
CA PRO C 132 -16.01 -42.49 -26.05
C PRO C 132 -14.51 -42.78 -26.03
N VAL C 133 -13.76 -42.06 -26.86
CA VAL C 133 -12.30 -42.24 -26.96
C VAL C 133 -11.65 -42.07 -25.58
N ASN C 134 -12.12 -41.06 -24.85
CA ASN C 134 -11.67 -40.77 -23.48
C ASN C 134 -12.97 -40.72 -22.70
N PHE C 135 -13.21 -41.72 -21.86
CA PHE C 135 -14.47 -41.78 -21.11
C PHE C 135 -14.76 -40.60 -20.20
N TRP C 136 -13.74 -40.09 -19.51
CA TRP C 136 -13.89 -38.95 -18.58
C TRP C 136 -14.17 -37.60 -19.25
N ASP C 137 -14.06 -37.56 -20.58
CA ASP C 137 -14.28 -36.34 -21.36
C ASP C 137 -15.66 -36.27 -21.95
N PRO C 138 -16.11 -35.05 -22.31
CA PRO C 138 -17.42 -34.81 -22.93
C PRO C 138 -17.46 -35.50 -24.31
N GLY C 139 -18.60 -35.45 -25.00
CA GLY C 139 -18.71 -36.13 -26.29
C GLY C 139 -18.17 -35.42 -27.51
N PHE C 140 -17.16 -34.58 -27.31
CA PHE C 140 -16.56 -33.80 -28.38
C PHE C 140 -15.28 -33.13 -27.85
N PRO C 141 -14.35 -32.74 -28.75
CA PRO C 141 -13.12 -32.08 -28.27
C PRO C 141 -13.54 -30.82 -27.50
N HIS C 142 -12.69 -30.35 -26.58
CA HIS C 142 -13.08 -29.20 -25.74
C HIS C 142 -11.90 -28.52 -25.04
N ILE C 143 -12.20 -27.40 -24.38
CA ILE C 143 -11.22 -26.64 -23.60
C ILE C 143 -11.71 -26.63 -22.16
N GLY C 144 -10.80 -26.75 -21.20
CA GLY C 144 -11.25 -26.73 -19.81
C GLY C 144 -10.22 -26.51 -18.74
N ILE C 145 -10.72 -26.21 -17.53
CA ILE C 145 -9.87 -26.00 -16.37
C ILE C 145 -9.74 -27.28 -15.57
N ASP C 146 -8.53 -27.78 -15.40
CA ASP C 146 -8.29 -28.99 -14.62
C ASP C 146 -7.59 -28.56 -13.35
N VAL C 147 -8.16 -28.97 -12.23
CA VAL C 147 -7.62 -28.66 -10.93
C VAL C 147 -7.34 -30.01 -10.28
N ASN C 148 -6.11 -30.48 -10.37
CA ASN C 148 -5.71 -31.75 -9.77
C ASN C 148 -6.38 -33.02 -10.29
N CYS C 149 -6.84 -33.00 -11.54
CA CYS C 149 -7.47 -34.17 -12.13
C CYS C 149 -7.53 -34.03 -13.63
N VAL C 150 -7.35 -35.14 -14.33
CA VAL C 150 -7.45 -35.11 -15.78
C VAL C 150 -8.91 -34.74 -16.12
N LYS C 151 -9.84 -35.21 -15.28
CA LYS C 151 -11.26 -34.88 -15.42
C LYS C 151 -11.32 -33.38 -15.13
N SER C 152 -11.63 -32.57 -16.14
CA SER C 152 -11.71 -31.13 -15.95
C SER C 152 -12.86 -30.82 -15.02
N ILE C 153 -12.83 -29.67 -14.36
CA ILE C 153 -13.94 -29.27 -13.48
C ILE C 153 -14.94 -28.46 -14.30
N ASN C 154 -14.51 -28.03 -15.48
CA ASN C 154 -15.35 -27.29 -16.43
C ASN C 154 -14.81 -27.53 -17.83
N ALA C 155 -15.68 -27.48 -18.84
CA ALA C 155 -15.26 -27.72 -20.22
C ALA C 155 -16.07 -26.97 -21.26
N GLU C 156 -15.57 -26.95 -22.50
CA GLU C 156 -16.27 -26.27 -23.57
C GLU C 156 -16.02 -26.82 -24.97
N ARG C 157 -17.12 -26.90 -25.73
CA ARG C 157 -17.16 -27.40 -27.10
C ARG C 157 -16.10 -26.75 -28.00
N TRP C 158 -15.11 -27.55 -28.37
CA TRP C 158 -14.04 -27.05 -29.21
C TRP C 158 -14.01 -27.70 -30.59
N ASN C 159 -14.31 -26.90 -31.59
CA ASN C 159 -14.26 -27.35 -32.96
C ASN C 159 -12.79 -27.29 -33.39
N LYS C 160 -12.05 -28.32 -32.98
CA LYS C 160 -10.62 -28.43 -33.26
C LYS C 160 -10.27 -28.46 -34.74
N ARG C 161 -9.29 -27.65 -35.12
CA ARG C 161 -8.81 -27.59 -36.50
C ARG C 161 -7.36 -28.01 -36.49
N TYR C 162 -6.87 -28.37 -37.66
CA TYR C 162 -5.49 -28.79 -37.81
C TYR C 162 -4.90 -28.05 -39.02
N GLY C 163 -3.59 -27.80 -38.97
CA GLY C 163 -2.92 -27.11 -40.06
C GLY C 163 -2.36 -25.74 -39.68
N LEU C 164 -1.37 -25.30 -40.45
CA LEU C 164 -0.72 -24.01 -40.22
C LEU C 164 -1.64 -22.81 -40.43
N ASN C 165 -2.53 -22.89 -41.39
CA ASN C 165 -3.46 -21.79 -41.68
C ASN C 165 -4.54 -21.64 -40.61
N ASN C 166 -4.71 -22.67 -39.78
CA ASN C 166 -5.73 -22.67 -38.72
C ASN C 166 -5.17 -22.35 -37.32
N VAL C 167 -4.21 -21.43 -37.29
CA VAL C 167 -3.58 -21.00 -36.04
C VAL C 167 -4.61 -20.45 -35.06
N ALA C 168 -4.55 -20.92 -33.83
CA ALA C 168 -5.50 -20.49 -32.81
C ALA C 168 -4.84 -19.56 -31.81
N ASN C 169 -5.45 -18.41 -31.59
CA ASN C 169 -4.95 -17.41 -30.65
C ASN C 169 -5.57 -17.63 -29.27
N VAL C 170 -4.72 -17.95 -28.30
CA VAL C 170 -5.20 -18.19 -26.94
C VAL C 170 -4.80 -17.06 -26.02
N GLU C 171 -5.58 -16.89 -24.95
CA GLU C 171 -5.36 -15.89 -23.92
C GLU C 171 -6.00 -16.46 -22.66
N ILE C 172 -5.29 -16.35 -21.55
CA ILE C 172 -5.76 -16.87 -20.27
C ILE C 172 -5.56 -15.78 -19.21
N ILE C 173 -6.66 -15.30 -18.66
CA ILE C 173 -6.60 -14.26 -17.66
C ILE C 173 -7.04 -14.77 -16.29
N TYR C 174 -6.17 -14.63 -15.31
CA TYR C 174 -6.51 -15.03 -13.95
C TYR C 174 -6.55 -13.76 -13.11
N GLU C 175 -7.70 -13.50 -12.50
CA GLU C 175 -7.89 -12.33 -11.64
C GLU C 175 -7.93 -12.83 -10.18
N ALA C 176 -6.96 -12.38 -9.39
CA ALA C 176 -6.87 -12.79 -7.99
C ALA C 176 -7.93 -12.19 -7.07
N SER C 177 -8.47 -11.04 -7.46
CA SER C 177 -9.50 -10.35 -6.67
C SER C 177 -10.84 -11.10 -6.63
N SER C 178 -11.14 -11.82 -7.72
CA SER C 178 -12.38 -12.56 -7.84
C SER C 178 -12.16 -14.05 -7.98
N LYS C 179 -10.91 -14.48 -7.83
CA LYS C 179 -10.52 -15.89 -7.97
C LYS C 179 -10.93 -16.51 -9.31
N THR C 180 -11.42 -15.68 -10.23
CA THR C 180 -11.91 -16.12 -11.52
C THR C 180 -10.85 -16.32 -12.60
N LEU C 181 -10.91 -17.45 -13.28
CA LEU C 181 -9.99 -17.79 -14.36
C LEU C 181 -10.77 -17.88 -15.65
N THR C 182 -10.30 -17.19 -16.68
CA THR C 182 -10.95 -17.21 -17.98
C THR C 182 -9.91 -17.70 -18.99
N ALA C 183 -10.35 -18.42 -20.00
CA ALA C 183 -9.44 -18.93 -21.01
C ALA C 183 -10.17 -18.89 -22.34
N SER C 184 -9.60 -18.23 -23.35
CA SER C 184 -10.28 -18.14 -24.63
C SER C 184 -9.49 -18.55 -25.84
N LEU C 185 -10.09 -19.42 -26.65
CA LEU C 185 -9.49 -19.89 -27.90
C LEU C 185 -10.18 -19.16 -29.03
N THR C 186 -9.38 -18.65 -29.96
CA THR C 186 -9.90 -17.90 -31.09
C THR C 186 -9.25 -18.32 -32.38
N TYR C 187 -10.07 -18.55 -33.38
CA TYR C 187 -9.60 -18.92 -34.70
C TYR C 187 -9.86 -17.65 -35.49
N PRO C 188 -8.83 -16.78 -35.61
CA PRO C 188 -8.88 -15.50 -36.31
C PRO C 188 -9.21 -15.53 -37.82
N SER C 189 -9.29 -16.73 -38.41
CA SER C 189 -9.63 -16.88 -39.84
C SER C 189 -11.06 -16.35 -40.01
N ASP C 190 -11.96 -16.83 -39.15
CA ASP C 190 -13.37 -16.42 -39.12
C ASP C 190 -13.67 -15.80 -37.76
N GLN C 191 -12.62 -15.39 -37.04
CA GLN C 191 -12.71 -14.77 -35.71
C GLN C 191 -13.62 -15.57 -34.77
N THR C 192 -13.75 -16.86 -35.06
CA THR C 192 -14.57 -17.77 -34.25
C THR C 192 -13.89 -17.99 -32.91
N SER C 193 -14.50 -17.45 -31.86
CA SER C 193 -13.93 -17.56 -30.52
C SER C 193 -14.82 -18.32 -29.55
N ILE C 194 -14.21 -18.77 -28.46
CA ILE C 194 -14.93 -19.47 -27.40
C ILE C 194 -14.29 -19.05 -26.08
N SER C 195 -14.77 -19.58 -24.95
CA SER C 195 -14.21 -19.23 -23.65
C SER C 195 -14.80 -19.88 -22.41
N VAL C 196 -14.00 -20.74 -21.80
CA VAL C 196 -14.34 -21.43 -20.56
C VAL C 196 -13.95 -20.47 -19.41
N THR C 197 -14.72 -20.49 -18.34
CA THR C 197 -14.48 -19.59 -17.22
C THR C 197 -15.07 -20.16 -15.95
N SER C 198 -14.46 -19.81 -14.82
CA SER C 198 -14.92 -20.29 -13.53
C SER C 198 -13.99 -19.82 -12.43
N ILE C 199 -14.40 -20.06 -11.19
CA ILE C 199 -13.60 -19.65 -10.06
C ILE C 199 -12.88 -20.86 -9.51
N VAL C 200 -11.61 -20.66 -9.18
CA VAL C 200 -10.75 -21.70 -8.64
C VAL C 200 -9.91 -20.98 -7.59
N ASP C 201 -9.59 -21.67 -6.50
CA ASP C 201 -8.81 -21.06 -5.42
C ASP C 201 -7.36 -21.52 -5.42
N LEU C 202 -6.48 -20.67 -5.98
CA LEU C 202 -5.04 -20.98 -6.13
C LEU C 202 -4.20 -21.27 -4.91
N LYS C 203 -4.51 -20.62 -3.78
CA LYS C 203 -3.75 -20.83 -2.53
C LYS C 203 -3.95 -22.21 -1.92
N GLU C 204 -5.14 -22.79 -2.16
CA GLU C 204 -5.52 -24.11 -1.67
C GLU C 204 -5.12 -25.26 -2.59
N ILE C 205 -4.49 -24.93 -3.72
CA ILE C 205 -4.04 -25.95 -4.69
C ILE C 205 -2.54 -25.94 -4.95
N LEU C 206 -2.02 -24.76 -5.31
CA LEU C 206 -0.62 -24.58 -5.66
C LEU C 206 0.32 -24.08 -4.57
N PRO C 207 1.62 -24.43 -4.71
CA PRO C 207 2.61 -23.98 -3.72
C PRO C 207 2.84 -22.51 -4.09
N GLU C 208 3.42 -21.74 -3.17
CA GLU C 208 3.68 -20.33 -3.44
C GLU C 208 4.52 -20.12 -4.71
N TRP C 209 5.40 -21.07 -5.00
CA TRP C 209 6.24 -21.00 -6.18
C TRP C 209 5.91 -22.15 -7.15
N VAL C 210 5.44 -21.80 -8.35
CA VAL C 210 5.10 -22.79 -9.36
C VAL C 210 5.88 -22.52 -10.63
N SER C 211 5.61 -23.33 -11.66
CA SER C 211 6.23 -23.19 -12.96
C SER C 211 5.14 -23.10 -14.02
N VAL C 212 5.19 -22.06 -14.85
CA VAL C 212 4.21 -21.90 -15.92
C VAL C 212 4.77 -22.63 -17.14
N GLY C 213 3.89 -23.07 -18.05
CA GLY C 213 4.39 -23.77 -19.21
C GLY C 213 3.35 -24.51 -19.97
N PHE C 214 3.79 -25.46 -20.79
CA PHE C 214 2.90 -26.26 -21.63
C PHE C 214 3.31 -27.73 -21.68
N SER C 215 2.33 -28.58 -21.98
CA SER C 215 2.59 -30.00 -22.17
C SER C 215 1.93 -30.35 -23.51
N GLY C 216 2.36 -31.45 -24.12
CA GLY C 216 1.81 -31.85 -25.40
C GLY C 216 1.76 -33.36 -25.42
N SER C 217 0.66 -33.93 -25.90
CA SER C 217 0.51 -35.38 -25.93
C SER C 217 -0.23 -35.96 -27.13
N THR C 218 0.05 -37.21 -27.44
CA THR C 218 -0.61 -37.89 -28.54
C THR C 218 -0.60 -39.40 -28.31
N TYR C 219 -1.51 -40.09 -28.97
CA TYR C 219 -1.60 -41.54 -28.83
C TYR C 219 -1.25 -42.24 -30.15
N ILE C 220 -0.72 -43.46 -30.06
CA ILE C 220 -0.35 -44.24 -31.23
C ILE C 220 -1.50 -44.44 -32.21
N GLY C 221 -1.20 -44.40 -33.51
CA GLY C 221 -2.21 -44.57 -34.53
C GLY C 221 -3.20 -43.42 -34.57
N ARG C 222 -2.93 -42.39 -33.80
CA ARG C 222 -3.78 -41.20 -33.74
C ARG C 222 -2.88 -39.97 -33.61
N GLN C 223 -1.58 -40.22 -33.78
CA GLN C 223 -0.51 -39.22 -33.66
C GLN C 223 -0.63 -37.89 -34.36
N ALA C 224 -0.47 -36.84 -33.56
CA ALA C 224 -0.52 -35.45 -34.00
C ALA C 224 0.49 -34.68 -33.19
N THR C 225 1.05 -33.63 -33.79
CA THR C 225 2.03 -32.77 -33.12
C THR C 225 1.29 -31.54 -32.63
N HIS C 226 1.84 -30.91 -31.60
CA HIS C 226 1.25 -29.73 -31.00
C HIS C 226 2.42 -28.78 -30.80
N GLU C 227 2.27 -27.52 -31.19
CA GLU C 227 3.36 -26.59 -31.03
C GLU C 227 2.99 -25.14 -30.88
N VAL C 228 3.72 -24.48 -30.00
CA VAL C 228 3.50 -23.06 -29.73
C VAL C 228 4.44 -22.17 -30.58
N LEU C 229 3.86 -21.08 -31.08
CA LEU C 229 4.53 -20.10 -31.94
C LEU C 229 5.13 -18.95 -31.16
N ASN C 230 4.45 -18.55 -30.10
CA ASN C 230 4.90 -17.44 -29.29
C ASN C 230 4.26 -17.57 -27.91
N TRP C 231 4.58 -16.64 -27.02
CA TRP C 231 4.07 -16.71 -25.65
C TRP C 231 4.36 -15.42 -24.94
N TYR C 232 3.38 -14.95 -24.18
CA TYR C 232 3.53 -13.73 -23.42
C TYR C 232 2.94 -14.04 -22.06
N PHE C 233 3.65 -13.68 -21.00
CA PHE C 233 3.16 -13.96 -19.65
C PHE C 233 3.49 -12.80 -18.72
N THR C 234 2.69 -12.63 -17.68
CA THR C 234 2.92 -11.56 -16.72
C THR C 234 2.22 -11.72 -15.36
N SER C 235 3.02 -11.96 -14.33
CA SER C 235 2.49 -12.08 -12.98
C SER C 235 2.68 -10.75 -12.28
N THR C 236 1.91 -10.53 -11.24
CA THR C 236 1.99 -9.32 -10.45
C THR C 236 1.03 -9.41 -9.28
N PHE C 237 1.36 -8.69 -8.22
CA PHE C 237 0.50 -8.65 -7.03
C PHE C 237 -0.16 -7.27 -6.93
N ILE C 238 0.47 -6.27 -7.55
CA ILE C 238 0.01 -4.89 -7.44
C ILE C 238 -1.25 -4.52 -8.19
N ASN C 239 -2.36 -4.51 -7.44
CA ASN C 239 -3.70 -4.18 -7.91
C ASN C 239 -3.87 -4.17 -9.45
N THR C 240 -3.36 -5.25 -10.04
CA THR C 240 -3.40 -5.52 -11.47
C THR C 240 -3.17 -7.04 -11.58
N SER D 1 14.05 -15.42 -23.84
CA SER D 1 12.90 -14.67 -24.41
C SER D 1 13.40 -13.47 -25.19
N ASP D 2 12.47 -12.74 -25.79
CA ASP D 2 12.80 -11.55 -26.53
C ASP D 2 12.58 -10.44 -25.51
N ASP D 3 11.64 -10.71 -24.60
CA ASP D 3 11.27 -9.80 -23.53
C ASP D 3 11.34 -10.53 -22.20
N LEU D 4 11.66 -9.79 -21.16
CA LEU D 4 11.74 -10.34 -19.82
C LEU D 4 11.84 -9.12 -18.95
N SER D 5 11.26 -9.20 -17.77
CA SER D 5 11.25 -8.07 -16.86
C SER D 5 10.67 -8.55 -15.54
N PHE D 6 11.33 -8.21 -14.45
CA PHE D 6 10.85 -8.61 -13.14
C PHE D 6 11.09 -7.53 -12.13
N LYS D 7 10.57 -7.75 -10.93
CA LYS D 7 10.72 -6.79 -9.86
C LYS D 7 10.63 -7.47 -8.53
N PHE D 8 11.61 -7.18 -7.68
CA PHE D 8 11.71 -7.70 -6.35
C PHE D 8 11.54 -6.52 -5.40
N LYS D 9 10.36 -6.39 -4.80
CA LYS D 9 10.13 -5.31 -3.83
C LYS D 9 10.87 -5.67 -2.56
N ASN D 10 10.92 -6.98 -2.32
CA ASN D 10 11.52 -7.63 -1.18
C ASN D 10 12.25 -8.84 -1.69
N PHE D 11 12.62 -9.69 -0.76
CA PHE D 11 13.29 -10.95 -1.04
C PHE D 11 12.82 -11.84 0.10
N SER D 12 12.34 -13.02 -0.23
CA SER D 12 11.86 -13.94 0.79
C SER D 12 12.83 -15.09 0.96
N GLN D 13 12.92 -15.61 2.19
CA GLN D 13 13.81 -16.73 2.46
C GLN D 13 13.29 -18.01 1.80
N ASN D 14 12.01 -18.01 1.41
CA ASN D 14 11.44 -19.19 0.73
C ASN D 14 11.76 -19.10 -0.79
N GLY D 15 12.23 -17.92 -1.20
CA GLY D 15 12.55 -17.63 -2.60
C GLY D 15 13.16 -18.74 -3.42
N LYS D 16 12.65 -18.93 -4.63
CA LYS D 16 13.16 -19.99 -5.51
C LYS D 16 13.58 -19.56 -6.90
N ASP D 17 13.65 -18.24 -7.15
CA ASP D 17 14.06 -17.76 -8.47
C ASP D 17 15.44 -17.09 -8.48
N LEU D 18 16.22 -17.28 -7.42
CA LEU D 18 17.56 -16.70 -7.33
C LEU D 18 18.59 -17.80 -7.12
N SER D 19 19.72 -17.68 -7.82
CA SER D 19 20.83 -18.63 -7.71
C SER D 19 21.92 -17.94 -6.90
N PHE D 20 22.38 -18.64 -5.87
CA PHE D 20 23.42 -18.09 -5.00
C PHE D 20 24.75 -18.83 -5.12
N GLN D 21 25.82 -18.11 -4.81
CA GLN D 21 27.18 -18.63 -4.81
C GLN D 21 27.85 -17.93 -3.66
N GLY D 22 28.68 -18.65 -2.92
CA GLY D 22 29.37 -18.05 -1.81
C GLY D 22 28.38 -17.65 -0.75
N ASN D 23 28.81 -16.79 0.16
CA ASN D 23 27.97 -16.38 1.26
C ASN D 23 26.95 -15.29 0.96
N ALA D 24 26.20 -15.46 -0.14
CA ALA D 24 25.14 -14.51 -0.50
C ALA D 24 23.81 -15.21 -0.19
N SER D 25 22.87 -14.47 0.39
CA SER D 25 21.57 -15.07 0.73
C SER D 25 20.56 -14.07 1.25
N VAL D 26 19.29 -14.43 1.18
CA VAL D 26 18.25 -13.55 1.68
C VAL D 26 18.23 -13.77 3.18
N ILE D 27 18.21 -12.69 3.95
CA ILE D 27 18.19 -12.81 5.40
C ILE D 27 16.84 -12.43 5.99
N GLU D 28 16.67 -12.70 7.28
CA GLU D 28 15.42 -12.44 8.01
C GLU D 28 14.68 -11.16 7.66
N THR D 29 15.44 -10.08 7.56
CA THR D 29 14.88 -8.76 7.27
C THR D 29 14.30 -8.59 5.87
N GLY D 30 14.41 -9.65 5.06
CA GLY D 30 13.90 -9.63 3.69
C GLY D 30 14.81 -8.87 2.73
N VAL D 31 16.11 -8.92 2.97
CA VAL D 31 17.07 -8.22 2.12
C VAL D 31 18.11 -9.18 1.56
N LEU D 32 18.46 -8.98 0.29
CA LEU D 32 19.46 -9.81 -0.34
C LEU D 32 20.81 -9.36 0.19
N GLN D 33 21.35 -10.13 1.13
CA GLN D 33 22.66 -9.81 1.68
C GLN D 33 23.72 -10.47 0.80
N LEU D 34 24.43 -9.67 0.00
CA LEU D 34 25.45 -10.17 -0.94
C LEU D 34 26.68 -10.86 -0.34
N ASN D 35 27.08 -10.44 0.87
CA ASN D 35 28.22 -11.03 1.55
C ASN D 35 28.05 -11.00 3.07
N LYS D 36 28.57 -12.03 3.73
CA LYS D 36 28.51 -12.15 5.17
C LYS D 36 29.74 -11.49 5.82
N VAL D 37 29.69 -11.28 7.14
CA VAL D 37 30.80 -10.72 7.89
C VAL D 37 30.99 -11.56 9.15
N GLY D 38 31.95 -11.17 9.97
CA GLY D 38 32.25 -11.91 11.18
C GLY D 38 33.58 -12.62 10.96
N ASN D 39 34.12 -13.22 12.02
CA ASN D 39 35.41 -13.89 11.94
C ASN D 39 35.49 -15.15 11.07
N ASN D 40 34.43 -15.97 11.13
CA ASN D 40 34.33 -17.25 10.43
C ASN D 40 34.26 -17.35 8.90
N LEU D 41 34.96 -16.44 8.22
CA LEU D 41 35.00 -16.40 6.76
C LEU D 41 36.46 -16.30 6.36
N PRO D 42 36.78 -16.55 5.08
CA PRO D 42 38.17 -16.45 4.64
C PRO D 42 38.58 -14.96 4.47
N ASP D 43 39.87 -14.70 4.21
CA ASP D 43 40.38 -13.33 4.06
C ASP D 43 39.68 -12.46 3.01
N GLU D 44 39.47 -13.02 1.83
CA GLU D 44 38.74 -12.33 0.77
C GLU D 44 37.43 -13.10 0.79
N THR D 45 36.33 -12.43 1.11
CA THR D 45 35.06 -13.14 1.19
C THR D 45 33.94 -12.45 0.44
N GLY D 46 33.07 -13.24 -0.18
CA GLY D 46 31.97 -12.68 -0.94
C GLY D 46 30.89 -13.66 -1.35
N GLY D 47 29.98 -13.18 -2.20
CA GLY D 47 28.87 -13.98 -2.69
C GLY D 47 28.25 -13.36 -3.93
N ILE D 48 27.46 -14.15 -4.66
CA ILE D 48 26.80 -13.69 -5.88
C ILE D 48 25.38 -14.20 -5.84
N ALA D 49 24.42 -13.37 -6.21
CA ALA D 49 23.02 -13.77 -6.22
C ALA D 49 22.41 -13.30 -7.54
N ARG D 50 22.20 -14.23 -8.46
CA ARG D 50 21.64 -13.86 -9.75
C ARG D 50 20.24 -14.42 -10.02
N TYR D 51 19.55 -13.85 -11.01
CA TYR D 51 18.22 -14.35 -11.37
C TYR D 51 18.43 -15.69 -12.09
N ILE D 52 17.71 -16.69 -11.62
CA ILE D 52 17.80 -18.06 -12.12
C ILE D 52 17.66 -18.24 -13.63
N ALA D 53 16.84 -17.41 -14.27
CA ALA D 53 16.66 -17.52 -15.72
C ALA D 53 17.68 -16.67 -16.48
N PRO D 54 18.34 -17.28 -17.49
CA PRO D 54 19.34 -16.60 -18.32
C PRO D 54 18.64 -15.62 -19.27
N ILE D 55 19.30 -14.49 -19.55
CA ILE D 55 18.76 -13.45 -20.43
C ILE D 55 19.31 -13.55 -21.86
N HIS D 56 18.44 -13.45 -22.85
CA HIS D 56 18.86 -13.51 -24.26
C HIS D 56 19.23 -12.08 -24.61
N ILE D 57 20.52 -11.76 -24.43
CA ILE D 57 21.03 -10.42 -24.68
C ILE D 57 21.22 -10.06 -26.16
N TRP D 58 21.54 -11.04 -27.01
CA TRP D 58 21.67 -10.79 -28.44
C TRP D 58 21.40 -11.99 -29.30
N ASN D 59 20.62 -11.79 -30.35
CA ASN D 59 20.28 -12.88 -31.25
C ASN D 59 21.19 -12.86 -32.46
N CYS D 60 22.14 -13.79 -32.45
CA CYS D 60 23.12 -13.94 -33.52
C CYS D 60 22.52 -14.02 -34.92
N ASN D 61 21.61 -14.98 -35.10
CA ASN D 61 20.95 -15.20 -36.39
C ASN D 61 20.26 -13.94 -36.91
N THR D 62 20.06 -12.95 -36.04
CA THR D 62 19.41 -11.69 -36.44
C THR D 62 20.33 -10.48 -36.27
N GLY D 63 21.45 -10.69 -35.56
CA GLY D 63 22.38 -9.62 -35.29
C GLY D 63 21.75 -8.55 -34.42
N GLU D 64 20.70 -8.92 -33.68
CA GLU D 64 20.01 -7.97 -32.80
C GLU D 64 20.59 -7.98 -31.40
N LEU D 65 20.56 -6.81 -30.77
CA LEU D 65 21.10 -6.63 -29.43
C LEU D 65 19.99 -6.04 -28.56
N ALA D 66 19.84 -6.55 -27.34
CA ALA D 66 18.79 -6.07 -26.45
C ALA D 66 19.17 -4.90 -25.55
N SER D 67 18.25 -3.94 -25.44
CA SER D 67 18.45 -2.78 -24.58
C SER D 67 17.84 -3.14 -23.22
N PHE D 68 18.46 -2.68 -22.14
CA PHE D 68 17.95 -3.00 -20.82
C PHE D 68 18.11 -1.91 -19.79
N ILE D 69 17.48 -2.11 -18.65
CA ILE D 69 17.55 -1.20 -17.51
C ILE D 69 17.26 -1.98 -16.24
N THR D 70 18.02 -1.67 -15.21
CA THR D 70 17.86 -2.31 -13.93
C THR D 70 17.87 -1.20 -12.89
N SER D 71 17.16 -1.41 -11.79
CA SER D 71 17.11 -0.41 -10.74
C SER D 71 17.21 -1.13 -9.43
N PHE D 72 17.72 -0.45 -8.42
CA PHE D 72 17.81 -1.05 -7.11
C PHE D 72 18.23 -0.07 -6.03
N SER D 73 18.11 -0.49 -4.79
CA SER D 73 18.50 0.34 -3.68
C SER D 73 19.30 -0.55 -2.77
N PHE D 74 20.48 -0.10 -2.37
CA PHE D 74 21.30 -0.91 -1.50
C PHE D 74 21.84 -0.07 -0.36
N PHE D 75 22.49 -0.73 0.60
CA PHE D 75 23.06 -0.06 1.74
C PHE D 75 24.28 -0.87 2.19
N MET D 76 25.10 -0.29 3.04
CA MET D 76 26.29 -0.97 3.54
C MET D 76 26.35 -0.80 5.05
N GLU D 77 26.93 -1.76 5.76
CA GLU D 77 27.03 -1.68 7.22
C GLU D 77 28.40 -2.16 7.68
N THR D 78 28.92 -1.54 8.74
CA THR D 78 30.23 -1.92 9.28
C THR D 78 30.52 -1.29 10.66
N SER D 79 31.49 -1.87 11.38
CA SER D 79 31.90 -1.37 12.69
C SER D 79 33.40 -1.00 12.67
N ALA D 80 34.01 -1.16 11.50
CA ALA D 80 35.41 -0.83 11.29
C ALA D 80 35.39 0.59 10.72
N ASN D 81 36.57 1.14 10.48
CA ASN D 81 36.65 2.48 9.92
C ASN D 81 35.95 2.48 8.57
N PRO D 82 35.00 3.42 8.38
CA PRO D 82 34.23 3.56 7.13
C PRO D 82 35.11 3.88 5.93
N LYS D 83 36.04 4.81 6.08
CA LYS D 83 36.94 5.19 5.00
C LYS D 83 37.98 4.11 4.72
N ALA D 84 37.82 2.96 5.39
CA ALA D 84 38.76 1.86 5.22
C ALA D 84 38.07 0.52 4.97
N ALA D 85 36.76 0.48 5.20
CA ALA D 85 35.98 -0.74 4.99
C ALA D 85 35.90 -1.04 3.48
N THR D 86 35.93 -2.33 3.14
CA THR D 86 35.87 -2.78 1.76
C THR D 86 34.74 -3.80 1.59
N ASP D 87 34.49 -4.30 0.37
CA ASP D 87 35.20 -4.00 -0.87
C ASP D 87 34.18 -3.44 -1.86
N GLY D 88 32.89 -3.66 -1.58
CA GLY D 88 31.83 -3.16 -2.44
C GLY D 88 30.95 -4.22 -3.11
N LEU D 89 30.16 -3.80 -4.10
CA LEU D 89 29.29 -4.72 -4.81
C LEU D 89 29.21 -4.40 -6.28
N THR D 90 28.64 -5.33 -7.03
CA THR D 90 28.48 -5.16 -8.46
C THR D 90 27.12 -5.61 -8.97
N PHE D 91 26.84 -5.22 -10.20
CA PHE D 91 25.67 -5.64 -10.93
C PHE D 91 26.41 -6.11 -12.18
N PHE D 92 26.17 -7.33 -12.65
CA PHE D 92 26.93 -7.74 -13.80
C PHE D 92 26.23 -8.71 -14.72
N LEU D 93 26.84 -8.88 -15.89
CA LEU D 93 26.35 -9.80 -16.90
C LEU D 93 27.52 -10.74 -17.22
N ALA D 94 27.23 -12.02 -17.39
CA ALA D 94 28.25 -13.01 -17.68
C ALA D 94 27.59 -14.32 -18.05
N PRO D 95 28.38 -15.31 -18.54
CA PRO D 95 27.78 -16.60 -18.90
C PRO D 95 27.10 -17.11 -17.62
N PRO D 96 25.84 -17.59 -17.73
CA PRO D 96 25.07 -18.08 -16.58
C PRO D 96 25.72 -19.14 -15.71
N ASP D 97 26.39 -20.10 -16.31
CA ASP D 97 27.04 -21.17 -15.56
C ASP D 97 28.43 -20.81 -15.01
N SER D 98 28.77 -19.52 -14.97
CA SER D 98 30.08 -19.09 -14.48
C SER D 98 30.24 -19.29 -12.98
N PRO D 99 31.38 -19.84 -12.57
CA PRO D 99 31.68 -20.11 -11.16
C PRO D 99 31.94 -18.88 -10.33
N LEU D 100 32.07 -19.08 -9.02
CA LEU D 100 32.38 -17.99 -8.10
C LEU D 100 33.88 -17.80 -8.16
N ARG D 101 34.32 -16.57 -8.39
CA ARG D 101 35.74 -16.31 -8.46
C ARG D 101 36.30 -15.57 -7.24
N ARG D 102 37.57 -15.21 -7.34
CA ARG D 102 38.29 -14.51 -6.28
C ARG D 102 37.47 -13.35 -5.73
N ALA D 103 37.20 -13.41 -4.43
CA ALA D 103 36.42 -12.36 -3.80
C ALA D 103 37.32 -11.20 -3.40
N GLY D 104 36.99 -10.52 -2.31
CA GLY D 104 37.80 -9.38 -1.90
C GLY D 104 37.70 -8.30 -2.96
N GLY D 105 38.83 -7.72 -3.32
CA GLY D 105 38.86 -6.65 -4.29
C GLY D 105 38.43 -7.04 -5.68
N TYR D 106 38.32 -8.35 -5.94
CA TYR D 106 37.91 -8.85 -7.25
C TYR D 106 36.42 -9.10 -7.38
N PHE D 107 35.67 -8.91 -6.28
CA PHE D 107 34.22 -9.05 -6.22
C PHE D 107 33.68 -10.42 -6.61
N GLY D 108 34.48 -11.46 -6.42
CA GLY D 108 34.06 -12.80 -6.80
C GLY D 108 33.95 -13.00 -8.31
N LEU D 109 34.31 -11.99 -9.09
CA LEU D 109 34.21 -12.08 -10.55
C LEU D 109 35.46 -12.42 -11.35
N PHE D 110 36.65 -12.16 -10.79
CA PHE D 110 37.90 -12.40 -11.51
C PHE D 110 38.96 -13.12 -10.67
N ASN D 111 39.98 -13.68 -11.33
CA ASN D 111 41.08 -14.40 -10.68
C ASN D 111 42.28 -13.50 -10.31
N ASP D 112 42.43 -12.40 -11.04
CA ASP D 112 43.51 -11.43 -10.86
C ASP D 112 43.33 -10.21 -11.76
N THR D 113 44.40 -9.43 -11.93
CA THR D 113 44.34 -8.21 -12.74
C THR D 113 44.38 -8.38 -14.27
N LYS D 114 44.56 -9.60 -14.76
CA LYS D 114 44.60 -9.87 -16.19
C LYS D 114 43.22 -9.74 -16.81
N CYS D 115 43.11 -8.79 -17.76
CA CYS D 115 41.88 -8.48 -18.48
C CYS D 115 41.54 -9.51 -19.53
N ASP D 116 41.23 -10.73 -19.07
CA ASP D 116 40.91 -11.85 -19.94
C ASP D 116 39.51 -11.81 -20.52
N SER D 117 39.47 -11.88 -21.86
CA SER D 117 38.21 -11.86 -22.59
C SER D 117 37.34 -13.10 -22.36
N SER D 118 37.95 -14.21 -21.96
CA SER D 118 37.20 -15.45 -21.71
C SER D 118 36.23 -15.31 -20.53
N TYR D 119 36.35 -14.19 -19.79
CA TYR D 119 35.46 -13.90 -18.67
C TYR D 119 34.06 -13.59 -19.18
N GLN D 120 33.99 -12.99 -20.38
CA GLN D 120 32.73 -12.58 -21.02
C GLN D 120 31.79 -11.94 -20.01
N THR D 121 32.38 -11.05 -19.20
CA THR D 121 31.69 -10.34 -18.14
C THR D 121 31.70 -8.83 -18.37
N VAL D 122 30.67 -8.18 -17.85
CA VAL D 122 30.53 -6.74 -17.91
C VAL D 122 29.85 -6.37 -16.60
N ALA D 123 30.59 -5.70 -15.73
CA ALA D 123 30.05 -5.34 -14.45
C ALA D 123 30.05 -3.85 -14.21
N VAL D 124 29.27 -3.46 -13.22
CA VAL D 124 29.20 -2.08 -12.78
C VAL D 124 29.55 -2.28 -11.30
N GLU D 125 30.73 -1.85 -10.93
CA GLU D 125 31.18 -2.01 -9.59
C GLU D 125 31.02 -0.72 -8.79
N PHE D 126 30.71 -0.89 -7.51
CA PHE D 126 30.58 0.21 -6.59
C PHE D 126 31.70 -0.15 -5.63
N ASP D 127 32.91 0.13 -6.12
CA ASP D 127 34.18 -0.15 -5.45
C ASP D 127 34.45 0.81 -4.31
N THR D 128 34.39 0.29 -3.08
CA THR D 128 34.57 1.08 -1.87
C THR D 128 36.00 1.34 -1.44
N ILE D 129 36.97 0.83 -2.19
CA ILE D 129 38.36 1.07 -1.86
C ILE D 129 39.22 1.03 -3.12
N GLY D 130 40.23 1.89 -3.17
CA GLY D 130 41.07 1.94 -4.35
C GLY D 130 42.54 1.92 -4.03
N SER D 131 43.30 2.79 -4.69
CA SER D 131 44.75 2.89 -4.50
C SER D 131 45.09 3.53 -3.16
N PRO D 132 46.18 3.06 -2.50
CA PRO D 132 47.10 1.99 -2.89
C PRO D 132 46.70 0.56 -2.51
N VAL D 133 45.63 0.43 -1.71
CA VAL D 133 45.12 -0.87 -1.24
C VAL D 133 44.91 -1.78 -2.45
N ASN D 134 44.35 -1.19 -3.50
CA ASN D 134 44.11 -1.85 -4.78
C ASN D 134 44.75 -0.88 -5.79
N PHE D 135 45.94 -1.24 -6.26
CA PHE D 135 46.67 -0.37 -7.20
C PHE D 135 46.00 -0.16 -8.56
N TRP D 136 45.31 -1.19 -9.05
CA TRP D 136 44.62 -1.09 -10.34
C TRP D 136 43.46 -0.10 -10.30
N ASP D 137 43.21 0.46 -9.12
CA ASP D 137 42.12 1.42 -8.92
C ASP D 137 42.62 2.81 -8.62
N PRO D 138 41.74 3.82 -8.77
CA PRO D 138 42.07 5.21 -8.48
C PRO D 138 42.14 5.30 -6.96
N GLY D 139 42.85 6.32 -6.46
CA GLY D 139 43.06 6.48 -5.03
C GLY D 139 41.91 6.93 -4.16
N PHE D 140 40.68 6.61 -4.57
CA PHE D 140 39.49 6.99 -3.83
C PHE D 140 38.37 6.00 -4.13
N PRO D 141 37.32 5.97 -3.29
CA PRO D 141 36.20 5.05 -3.53
C PRO D 141 35.66 5.43 -4.90
N HIS D 142 35.05 4.50 -5.62
CA HIS D 142 34.54 4.81 -6.95
C HIS D 142 33.54 3.81 -7.49
N ILE D 143 32.76 4.28 -8.46
CA ILE D 143 31.78 3.45 -9.14
C ILE D 143 32.39 3.28 -10.54
N GLY D 144 32.70 2.05 -10.95
CA GLY D 144 33.31 1.88 -12.25
C GLY D 144 32.73 0.78 -13.13
N ILE D 145 32.74 1.02 -14.44
CA ILE D 145 32.24 0.05 -15.42
C ILE D 145 33.44 -0.75 -15.91
N ASP D 146 33.47 -2.05 -15.65
CA ASP D 146 34.58 -2.84 -16.13
C ASP D 146 34.18 -3.95 -17.09
N VAL D 147 34.86 -3.96 -18.21
CA VAL D 147 34.66 -4.92 -19.28
C VAL D 147 35.78 -5.96 -19.24
N ASN D 148 35.41 -7.19 -18.92
CA ASN D 148 36.32 -8.33 -18.82
C ASN D 148 37.54 -8.15 -17.92
N CYS D 149 37.46 -7.22 -16.97
CA CYS D 149 38.59 -6.97 -16.09
C CYS D 149 38.20 -6.22 -14.84
N VAL D 150 38.93 -6.48 -13.76
CA VAL D 150 38.69 -5.80 -12.50
C VAL D 150 39.09 -4.33 -12.62
N LYS D 151 39.95 -4.02 -13.60
CA LYS D 151 40.40 -2.67 -13.87
C LYS D 151 39.41 -1.96 -14.80
N SER D 152 38.72 -0.94 -14.28
CA SER D 152 37.75 -0.17 -15.06
C SER D 152 38.32 0.46 -16.32
N ILE D 153 37.44 0.66 -17.29
CA ILE D 153 37.80 1.29 -18.55
C ILE D 153 37.53 2.75 -18.25
N ASN D 154 36.63 2.97 -17.30
CA ASN D 154 36.25 4.29 -16.84
C ASN D 154 35.61 4.10 -15.46
N ALA D 155 35.90 5.04 -14.56
CA ALA D 155 35.39 5.05 -13.20
C ALA D 155 35.14 6.50 -12.82
N GLU D 156 34.30 6.72 -11.82
CA GLU D 156 33.99 8.07 -11.35
C GLU D 156 34.12 8.10 -9.84
N ARG D 157 34.51 9.25 -9.31
CA ARG D 157 34.68 9.42 -7.87
C ARG D 157 33.36 9.33 -7.11
N TRP D 158 33.37 8.49 -6.09
CA TRP D 158 32.19 8.25 -5.29
C TRP D 158 32.49 8.36 -3.79
N ASN D 159 31.85 9.32 -3.12
CA ASN D 159 32.03 9.48 -1.68
C ASN D 159 31.11 8.48 -0.99
N LYS D 160 31.66 7.29 -0.77
CA LYS D 160 30.92 6.19 -0.15
C LYS D 160 30.37 6.49 1.25
N ARG D 161 29.04 6.40 1.38
CA ARG D 161 28.39 6.61 2.67
C ARG D 161 28.05 5.23 3.23
N TYR D 162 27.69 5.17 4.50
CA TYR D 162 27.36 3.90 5.12
C TYR D 162 26.17 3.99 6.05
N GLY D 163 25.48 2.86 6.19
CA GLY D 163 24.32 2.77 7.05
C GLY D 163 23.01 2.79 6.30
N LEU D 164 21.96 2.23 6.93
CA LEU D 164 20.62 2.18 6.34
C LEU D 164 20.06 3.61 6.13
N ASN D 165 20.59 4.57 6.88
CA ASN D 165 20.15 5.95 6.77
C ASN D 165 20.74 6.58 5.49
N ASN D 166 21.58 5.81 4.80
CA ASN D 166 22.19 6.26 3.55
C ASN D 166 22.03 5.26 2.43
N VAL D 167 20.81 4.84 2.13
CA VAL D 167 20.59 3.87 1.06
C VAL D 167 20.74 4.56 -0.29
N ALA D 168 21.43 3.90 -1.20
CA ALA D 168 21.67 4.45 -2.54
C ALA D 168 20.76 3.82 -3.59
N ASN D 169 20.16 4.66 -4.42
CA ASN D 169 19.28 4.19 -5.48
C ASN D 169 20.00 4.19 -6.84
N VAL D 170 20.31 3.00 -7.31
CA VAL D 170 21.01 2.80 -8.56
C VAL D 170 20.07 2.49 -9.71
N GLU D 171 20.51 2.84 -10.91
CA GLU D 171 19.79 2.58 -12.16
C GLU D 171 20.86 2.47 -13.25
N ILE D 172 20.82 1.36 -13.98
CA ILE D 172 21.78 1.09 -15.04
C ILE D 172 21.02 0.91 -16.33
N ILE D 173 21.42 1.62 -17.36
CA ILE D 173 20.75 1.49 -18.62
C ILE D 173 21.72 1.16 -19.73
N TYR D 174 21.27 0.34 -20.66
CA TYR D 174 22.10 -0.05 -21.78
C TYR D 174 21.30 0.12 -23.07
N GLU D 175 21.81 0.95 -23.96
CA GLU D 175 21.16 1.17 -25.24
C GLU D 175 21.92 0.46 -26.33
N ALA D 176 21.28 -0.56 -26.91
CA ALA D 176 21.88 -1.37 -27.98
C ALA D 176 22.19 -0.59 -29.26
N SER D 177 21.34 0.40 -29.57
CA SER D 177 21.51 1.20 -30.78
C SER D 177 22.82 1.95 -30.79
N SER D 178 23.06 2.71 -29.72
CA SER D 178 24.28 3.48 -29.59
C SER D 178 25.40 2.72 -28.89
N LYS D 179 25.03 1.62 -28.22
CA LYS D 179 25.95 0.78 -27.44
C LYS D 179 26.39 1.45 -26.13
N THR D 180 25.55 2.35 -25.62
CA THR D 180 25.84 3.10 -24.39
C THR D 180 25.42 2.42 -23.09
N LEU D 181 26.29 2.50 -22.09
CA LEU D 181 26.02 1.90 -20.78
C LEU D 181 26.22 2.93 -19.65
N THR D 182 25.18 3.69 -19.36
CA THR D 182 25.24 4.67 -18.30
C THR D 182 24.76 3.98 -17.01
N ALA D 183 25.35 4.37 -15.89
CA ALA D 183 25.02 3.81 -14.59
C ALA D 183 25.08 4.94 -13.58
N SER D 184 24.08 5.08 -12.75
CA SER D 184 24.12 6.17 -11.78
C SER D 184 23.74 5.77 -10.37
N LEU D 185 24.25 6.53 -9.40
CA LEU D 185 23.94 6.31 -8.00
C LEU D 185 23.32 7.59 -7.52
N THR D 186 22.33 7.49 -6.66
CA THR D 186 21.68 8.68 -6.13
C THR D 186 21.42 8.42 -4.66
N TYR D 187 21.70 9.41 -3.83
CA TYR D 187 21.42 9.30 -2.40
C TYR D 187 20.19 10.16 -2.29
N PRO D 188 19.03 9.56 -1.93
CA PRO D 188 17.71 10.20 -1.79
C PRO D 188 17.59 11.26 -0.69
N SER D 189 18.47 11.19 0.30
CA SER D 189 18.45 12.16 1.38
C SER D 189 18.76 13.53 0.83
N ASP D 190 19.94 13.69 0.22
CA ASP D 190 20.37 14.98 -0.34
C ASP D 190 20.57 15.06 -1.84
N GLN D 191 20.02 14.10 -2.60
CA GLN D 191 20.11 14.08 -4.06
C GLN D 191 21.50 14.03 -4.68
N THR D 192 22.51 13.66 -3.91
CA THR D 192 23.84 13.56 -4.49
C THR D 192 23.82 12.38 -5.46
N SER D 193 24.29 12.61 -6.67
CA SER D 193 24.32 11.56 -7.69
C SER D 193 25.73 11.49 -8.26
N ILE D 194 26.06 10.34 -8.83
CA ILE D 194 27.34 10.10 -9.45
C ILE D 194 27.04 9.16 -10.60
N SER D 195 27.72 9.29 -11.74
CA SER D 195 27.44 8.38 -12.85
C SER D 195 28.55 8.13 -13.85
N VAL D 196 28.77 6.85 -14.14
CA VAL D 196 29.79 6.44 -15.11
C VAL D 196 29.07 6.16 -16.41
N THR D 197 29.82 5.97 -17.47
CA THR D 197 29.25 5.68 -18.78
C THR D 197 30.35 5.07 -19.63
N SER D 198 29.94 4.25 -20.58
CA SER D 198 30.90 3.67 -21.47
C SER D 198 30.18 3.19 -22.68
N ILE D 199 30.92 3.04 -23.76
CA ILE D 199 30.34 2.56 -24.98
C ILE D 199 30.98 1.20 -25.22
N VAL D 200 30.21 0.16 -24.88
CA VAL D 200 30.63 -1.23 -24.99
C VAL D 200 29.77 -1.95 -26.03
N ASP D 201 30.40 -2.82 -26.82
CA ASP D 201 29.71 -3.61 -27.83
C ASP D 201 29.51 -4.98 -27.18
N LEU D 202 28.45 -5.12 -26.39
CA LEU D 202 28.16 -6.37 -25.69
C LEU D 202 28.05 -7.53 -26.65
N LYS D 203 27.59 -7.23 -27.87
CA LYS D 203 27.46 -8.22 -28.93
C LYS D 203 28.80 -8.93 -29.20
N GLU D 204 29.90 -8.21 -29.02
CA GLU D 204 31.22 -8.80 -29.21
C GLU D 204 31.93 -9.09 -27.89
N ILE D 205 31.23 -8.88 -26.78
CA ILE D 205 31.78 -9.11 -25.45
C ILE D 205 31.30 -10.38 -24.74
N LEU D 206 29.99 -10.49 -24.47
CA LEU D 206 29.44 -11.66 -23.78
C LEU D 206 28.56 -12.54 -24.67
N PRO D 207 28.11 -13.73 -24.17
CA PRO D 207 27.27 -14.63 -24.96
C PRO D 207 25.85 -14.13 -25.25
N GLU D 208 25.15 -14.87 -26.11
CA GLU D 208 23.76 -14.56 -26.48
C GLU D 208 22.88 -14.66 -25.24
N TRP D 209 23.34 -15.44 -24.27
CA TRP D 209 22.62 -15.62 -23.03
C TRP D 209 23.54 -15.35 -21.83
N VAL D 210 23.18 -14.33 -21.04
CA VAL D 210 23.95 -13.98 -19.86
C VAL D 210 23.07 -13.93 -18.62
N SER D 211 23.67 -14.24 -17.47
CA SER D 211 22.94 -14.16 -16.21
C SER D 211 22.98 -12.68 -15.82
N VAL D 212 22.07 -12.26 -14.94
CA VAL D 212 22.08 -10.88 -14.48
C VAL D 212 21.95 -10.93 -12.98
N GLY D 213 22.84 -10.24 -12.28
CA GLY D 213 22.76 -10.28 -10.85
C GLY D 213 23.74 -9.41 -10.11
N PHE D 214 23.91 -9.73 -8.84
CA PHE D 214 24.77 -8.99 -7.97
C PHE D 214 25.90 -9.85 -7.42
N SER D 215 26.91 -9.18 -6.89
CA SER D 215 28.04 -9.84 -6.26
C SER D 215 28.52 -8.87 -5.18
N GLY D 216 28.91 -9.40 -4.03
CA GLY D 216 29.36 -8.57 -2.93
C GLY D 216 30.68 -9.11 -2.44
N SER D 217 31.44 -8.29 -1.72
CA SER D 217 32.75 -8.71 -1.21
C SER D 217 33.33 -7.77 -0.15
N THR D 218 34.23 -8.31 0.66
CA THR D 218 34.89 -7.55 1.71
C THR D 218 36.17 -8.27 2.13
N TYR D 219 37.05 -7.57 2.85
CA TYR D 219 38.32 -8.16 3.27
C TYR D 219 38.41 -8.19 4.80
N ILE D 220 39.22 -9.10 5.31
CA ILE D 220 39.42 -9.27 6.75
C ILE D 220 39.90 -7.98 7.44
N GLY D 221 39.28 -7.66 8.58
CA GLY D 221 39.63 -6.46 9.34
C GLY D 221 39.20 -5.15 8.70
N ARG D 222 38.53 -5.24 7.56
CA ARG D 222 38.01 -4.08 6.83
C ARG D 222 36.56 -4.38 6.39
N GLN D 223 36.03 -5.47 6.94
CA GLN D 223 34.69 -6.00 6.64
C GLN D 223 33.49 -5.08 6.65
N ALA D 224 32.61 -5.28 5.67
CA ALA D 224 31.36 -4.53 5.52
C ALA D 224 30.38 -5.38 4.72
N THR D 225 29.11 -5.38 5.10
CA THR D 225 28.13 -6.14 4.31
C THR D 225 27.50 -5.12 3.38
N HIS D 226 27.15 -5.58 2.20
CA HIS D 226 26.52 -4.77 1.17
C HIS D 226 25.17 -5.46 0.97
N GLU D 227 24.08 -4.72 1.11
CA GLU D 227 22.75 -5.31 1.01
C GLU D 227 21.76 -4.66 0.06
N VAL D 228 21.09 -5.47 -0.74
CA VAL D 228 20.10 -4.97 -1.70
C VAL D 228 18.70 -5.00 -1.10
N LEU D 229 17.98 -3.89 -1.19
CA LEU D 229 16.62 -3.76 -0.65
C LEU D 229 15.54 -4.16 -1.64
N ASN D 230 15.74 -3.79 -2.90
CA ASN D 230 14.77 -4.08 -3.95
C ASN D 230 15.53 -4.18 -5.28
N TRP D 231 14.89 -4.70 -6.30
CA TRP D 231 15.54 -4.86 -7.61
C TRP D 231 14.55 -4.94 -8.76
N TYR D 232 14.74 -4.08 -9.73
CA TYR D 232 13.89 -4.05 -10.90
C TYR D 232 14.80 -4.36 -12.08
N PHE D 233 14.26 -4.95 -13.12
CA PHE D 233 15.04 -5.28 -14.31
C PHE D 233 14.15 -5.66 -15.47
N THR D 234 14.40 -5.04 -16.60
CA THR D 234 13.66 -5.33 -17.82
C THR D 234 14.62 -5.26 -18.99
N SER D 235 14.37 -6.07 -20.01
CA SER D 235 15.23 -6.08 -21.19
C SER D 235 14.39 -6.42 -22.39
N THR D 236 14.71 -5.79 -23.52
CA THR D 236 13.95 -6.01 -24.73
C THR D 236 14.74 -5.77 -26.01
N PHE D 237 14.26 -6.30 -27.12
CA PHE D 237 14.89 -6.10 -28.42
C PHE D 237 14.00 -5.10 -29.12
N ILE D 238 12.76 -5.06 -28.66
CA ILE D 238 11.77 -4.14 -29.19
C ILE D 238 11.80 -3.01 -28.15
N ASN D 239 12.89 -2.25 -28.22
CA ASN D 239 13.14 -1.15 -27.31
C ASN D 239 12.40 0.12 -27.75
C1 MFU E . 18.25 25.03 29.75
C2 MFU E . 17.44 24.24 28.69
C3 MFU E . 16.21 23.64 29.41
C4 MFU E . 15.37 24.79 30.03
C5 MFU E . 16.23 25.57 31.03
C6 MFU E . 15.42 26.72 31.66
O1 MFU E . 18.75 24.09 30.76
O2 MFU E . 18.26 23.23 28.09
O3 MFU E . 15.42 22.91 28.49
O4 MFU E . 14.93 25.67 29.00
O5 MFU E . 17.41 26.07 30.37
CM MFU E . 19.77 23.07 30.76
MN MN F . 11.77 31.14 22.02
CA CA G . 12.92 29.83 25.74
C1 MFU H . -32.15 -12.79 5.56
C2 MFU H . -31.26 -12.19 6.68
C3 MFU H . -30.10 -11.40 6.03
C4 MFU H . -30.66 -10.30 5.13
C5 MFU H . -31.56 -10.96 4.05
C6 MFU H . -32.14 -9.89 3.11
O1 MFU H . -31.38 -13.80 4.82
O2 MFU H . -30.78 -13.24 7.51
O3 MFU H . -29.28 -10.82 7.03
O4 MFU H . -31.37 -9.36 5.92
O5 MFU H . -32.63 -11.74 4.67
CM MFU H . -31.58 -15.22 4.59
MN MN I . -36.56 -1.59 8.95
CA CA J . -34.48 -4.85 6.66
C1 MFU K . -6.73 -44.13 -24.21
C2 MFU K . -5.83 -43.33 -23.23
C3 MFU K . -4.60 -42.82 -24.01
C4 MFU K . -5.06 -41.95 -25.18
C5 MFU K . -5.98 -42.78 -26.09
C6 MFU K . -6.49 -41.93 -27.29
O1 MFU K . -5.99 -45.32 -24.67
O2 MFU K . -5.47 -44.16 -22.12
O3 MFU K . -3.76 -42.07 -23.17
O4 MFU K . -5.74 -40.81 -24.67
O5 MFU K . -7.10 -43.31 -25.36
CM MFU K . -6.38 -46.46 -25.50
MN MN L . -10.63 -33.37 -21.12
CA CA M . -9.28 -36.19 -24.00
C1 MRD N . 2.18 -17.92 9.71
C2 MRD N . 1.76 -17.66 8.24
O2 MRD N . 2.75 -16.79 7.63
CM MRD N . 0.40 -16.95 8.19
C3 MRD N . 1.73 -19.03 7.49
C4 MRD N . 2.64 -20.25 7.27
O4 MRD N . 2.80 -20.55 5.88
C5 MRD N . 2.09 -21.49 7.99
C1 MFU O . 43.97 -6.18 -0.58
C2 MFU O . 43.36 -6.98 -1.77
C3 MFU O . 42.04 -7.60 -1.30
C4 MFU O . 41.09 -6.51 -0.83
C5 MFU O . 41.73 -5.75 0.34
C6 MFU O . 40.80 -4.62 0.85
O1 MFU O . 44.38 -7.10 0.51
O2 MFU O . 44.28 -7.97 -2.24
O3 MFU O . 41.47 -8.32 -2.37
O4 MFU O . 40.82 -5.62 -1.90
O5 MFU O . 43.01 -5.19 -0.07
CM MFU O . 45.56 -7.14 1.35
MN MN P . 37.71 -0.07 -9.14
CA CA Q . 38.62 -1.88 -5.25
#